data_6UF4
# 
_entry.id   6UF4 
# 
_audit_conform.dict_name       mmcif_pdbx.dic 
_audit_conform.dict_version    5.397 
_audit_conform.dict_location   http://mmcif.pdb.org/dictionaries/ascii/mmcif_pdbx.dic 
# 
loop_
_database_2.database_id 
_database_2.database_code 
_database_2.pdbx_database_accession 
_database_2.pdbx_DOI 
PDB   6UF4         pdb_00006uf4 10.2210/pdb6uf4/pdb 
WWPDB D_1000244514 ?            ?                   
# 
loop_
_pdbx_audit_revision_history.ordinal 
_pdbx_audit_revision_history.data_content_type 
_pdbx_audit_revision_history.major_revision 
_pdbx_audit_revision_history.minor_revision 
_pdbx_audit_revision_history.revision_date 
1 'Structure model' 1 0 2020-12-02 
2 'Structure model' 1 1 2024-10-23 
# 
_pdbx_audit_revision_details.ordinal             1 
_pdbx_audit_revision_details.revision_ordinal    1 
_pdbx_audit_revision_details.data_content_type   'Structure model' 
_pdbx_audit_revision_details.provider            repository 
_pdbx_audit_revision_details.type                'Initial release' 
_pdbx_audit_revision_details.description         ? 
_pdbx_audit_revision_details.details             ? 
# 
loop_
_pdbx_audit_revision_group.ordinal 
_pdbx_audit_revision_group.revision_ordinal 
_pdbx_audit_revision_group.data_content_type 
_pdbx_audit_revision_group.group 
1 2 'Structure model' 'Data collection'     
2 2 'Structure model' 'Database references' 
3 2 'Structure model' 'Structure summary'   
# 
loop_
_pdbx_audit_revision_category.ordinal 
_pdbx_audit_revision_category.revision_ordinal 
_pdbx_audit_revision_category.data_content_type 
_pdbx_audit_revision_category.category 
1 2 'Structure model' chem_comp_atom            
2 2 'Structure model' chem_comp_bond            
3 2 'Structure model' database_2                
4 2 'Structure model' pdbx_entry_details        
5 2 'Structure model' pdbx_modification_feature 
# 
loop_
_pdbx_audit_revision_item.ordinal 
_pdbx_audit_revision_item.revision_ordinal 
_pdbx_audit_revision_item.data_content_type 
_pdbx_audit_revision_item.item 
1 2 'Structure model' '_database_2.pdbx_DOI'                         
2 2 'Structure model' '_database_2.pdbx_database_accession'          
3 2 'Structure model' '_pdbx_entry_details.has_protein_modification' 
# 
_pdbx_database_status.status_code                     REL 
_pdbx_database_status.status_code_sf                  REL 
_pdbx_database_status.status_code_mr                  ? 
_pdbx_database_status.entry_id                        6UF4 
_pdbx_database_status.recvd_initial_deposition_date   2019-09-23 
_pdbx_database_status.SG_entry                        N 
_pdbx_database_status.deposit_site                    RCSB 
_pdbx_database_status.process_site                    RCSB 
_pdbx_database_status.status_code_cs                  ? 
_pdbx_database_status.methods_development_category    ? 
_pdbx_database_status.pdb_format_compatible           Y 
_pdbx_database_status.status_code_nmr_data            ? 
# 
_pdbx_database_related.db_name        PDB 
_pdbx_database_related.details        'same peptide, different crystal form' 
_pdbx_database_related.db_id          6UDZ 
_pdbx_database_related.content_type   unspecified 
# 
loop_
_audit_author.name 
_audit_author.pdbx_ordinal 
_audit_author.identifier_ORCID 
'Mulligan, V.K.'  1 0000-0001-6038-8922 
'Kang, C.S.'      2 0000-0003-0959-0783 
'Antselovich, I.' 3 0000-0002-2208-9937 
'Sawaya, M.R.'    4 0000-0003-0874-9043 
'Yeates, T.O.'    5 0000-0001-5709-9839 
'Baker, D.'       6 0000-0001-7896-6217 
# 
_citation.abstract                  ? 
_citation.abstract_id_CAS           ? 
_citation.book_id_ISBN              ? 
_citation.book_publisher            ? 
_citation.book_publisher_city       ? 
_citation.book_title                ? 
_citation.coordinate_linkage        ? 
_citation.country                   US 
_citation.database_id_Medline       ? 
_citation.details                   ? 
_citation.id                        primary 
_citation.journal_abbrev            'Protein Sci.' 
_citation.journal_id_ASTM           PRCIEI 
_citation.journal_id_CSD            0795 
_citation.journal_id_ISSN           1469-896X 
_citation.journal_full              ? 
_citation.journal_issue             ? 
_citation.journal_volume            29 
_citation.language                  ? 
_citation.page_first                2433 
_citation.page_last                 2445 
_citation.title                     'Computational design of mixed chirality peptide macrocycles with internal symmetry.' 
_citation.year                      2020 
_citation.database_id_CSD           ? 
_citation.pdbx_database_id_DOI      10.1002/pro.3974 
_citation.pdbx_database_id_PubMed   33058266 
_citation.unpublished_flag          ? 
# 
loop_
_citation_author.citation_id 
_citation_author.name 
_citation_author.ordinal 
_citation_author.identifier_ORCID 
primary 'Mulligan, V.K.'  1  0000-0001-6038-8922 
primary 'Kang, C.S.'      2  0000-0003-0959-0783 
primary 'Sawaya, M.R.'    3  ?                   
primary 'Rettie, S.'      4  ?                   
primary 'Li, X.'          5  ?                   
primary 'Antselovich, I.' 6  ?                   
primary 'Craven, T.W.'    7  ?                   
primary 'Watkins, A.M.'   8  ?                   
primary 'Labonte, J.W.'   9  ?                   
primary 'DiMaio, F.'      10 ?                   
primary 'Yeates, T.O.'    11 0000-0001-5709-9839 
primary 'Baker, D.'       12 ?                   
# 
loop_
_entity.id 
_entity.type 
_entity.src_method 
_entity.pdbx_description 
_entity.formula_weight 
_entity.pdbx_number_of_molecules 
_entity.pdbx_ec 
_entity.pdbx_mutation 
_entity.pdbx_fragment 
_entity.details 
1 polymer syn 'S2-4, Pusgley crystal form 2' 1120.316 2  ? ? ? 
'The asymmetric unit contains half of the molecule. The second half is generated by a crystallographic symmetry operator.' 
2 water   nat water                          18.015   17 ? ? ? ? 
# 
_entity_poly.entity_id                      1 
_entity_poly.type                           'polypeptide(D)' 
_entity_poly.nstd_linkage                   no 
_entity_poly.nstd_monomer                   yes 
_entity_poly.pdbx_seq_one_letter_code       'E(DPR)(DPR)K(DVA)(DGL)PP(DLY)V' 
_entity_poly.pdbx_seq_one_letter_code_can   EPPKVEPPKV 
_entity_poly.pdbx_strand_id                 A,B 
_entity_poly.pdbx_target_identifier         ? 
# 
_pdbx_entity_nonpoly.entity_id   2 
_pdbx_entity_nonpoly.name        water 
_pdbx_entity_nonpoly.comp_id     HOH 
# 
loop_
_entity_poly_seq.entity_id 
_entity_poly_seq.num 
_entity_poly_seq.mon_id 
_entity_poly_seq.hetero 
1 1  GLU n 
1 2  DPR n 
1 3  DPR n 
1 4  LYS n 
1 5  DVA n 
1 6  DGL n 
1 7  PRO n 
1 8  PRO n 
1 9  DLY n 
1 10 VAL n 
# 
_pdbx_entity_src_syn.entity_id              1 
_pdbx_entity_src_syn.pdbx_src_id            1 
_pdbx_entity_src_syn.pdbx_alt_source_flag   sample 
_pdbx_entity_src_syn.pdbx_beg_seq_num       1 
_pdbx_entity_src_syn.pdbx_end_seq_num       10 
_pdbx_entity_src_syn.organism_scientific    'synthetic construct' 
_pdbx_entity_src_syn.organism_common_name   ? 
_pdbx_entity_src_syn.ncbi_taxonomy_id       32630 
_pdbx_entity_src_syn.details                'ab initio design' 
# 
loop_
_chem_comp.id 
_chem_comp.type 
_chem_comp.mon_nstd_flag 
_chem_comp.name 
_chem_comp.pdbx_synonyms 
_chem_comp.formula 
_chem_comp.formula_weight 
DGL 'D-peptide linking' . 'D-GLUTAMIC ACID' ? 'C5 H9 N O4'     147.129 
DLY 'D-peptide linking' . D-LYSINE          ? 'C6 H14 N2 O2'   146.188 
DPR 'D-peptide linking' . D-PROLINE         ? 'C5 H9 N O2'     115.130 
DVA 'D-peptide linking' . D-VALINE          ? 'C5 H11 N O2'    117.146 
GLU 'L-peptide linking' y 'GLUTAMIC ACID'   ? 'C5 H9 N O4'     147.129 
HOH non-polymer         . WATER             ? 'H2 O'           18.015  
LYS 'L-peptide linking' y LYSINE            ? 'C6 H15 N2 O2 1' 147.195 
PRO 'L-peptide linking' y PROLINE           ? 'C5 H9 N O2'     115.130 
VAL 'L-peptide linking' y VALINE            ? 'C5 H11 N O2'    117.146 
# 
loop_
_pdbx_poly_seq_scheme.asym_id 
_pdbx_poly_seq_scheme.entity_id 
_pdbx_poly_seq_scheme.seq_id 
_pdbx_poly_seq_scheme.mon_id 
_pdbx_poly_seq_scheme.ndb_seq_num 
_pdbx_poly_seq_scheme.pdb_seq_num 
_pdbx_poly_seq_scheme.auth_seq_num 
_pdbx_poly_seq_scheme.pdb_mon_id 
_pdbx_poly_seq_scheme.auth_mon_id 
_pdbx_poly_seq_scheme.pdb_strand_id 
_pdbx_poly_seq_scheme.pdb_ins_code 
_pdbx_poly_seq_scheme.hetero 
A 1 1  GLU 1  1  1 GLU GLU A . n 
A 1 2  DPR 2  2  2 DPR DPR A . n 
A 1 3  DPR 3  3  3 DPR DPR A . n 
A 1 4  LYS 4  4  4 LYS LYS A . n 
A 1 5  DVA 5  5  5 DVA DVA A . n 
A 1 6  DGL 6  6  ? ?   ?   A . n 
A 1 7  PRO 7  7  ? ?   ?   A . n 
A 1 8  PRO 8  8  ? ?   ?   A . n 
A 1 9  DLY 9  9  ? ?   ?   A . n 
A 1 10 VAL 10 10 ? ?   ?   A . n 
B 1 1  GLU 1  1  1 GLU GLU B . n 
B 1 2  DPR 2  2  2 DPR DPR B . n 
B 1 3  DPR 3  3  3 DPR DPR B . n 
B 1 4  LYS 4  4  4 LYS LYS B . n 
B 1 5  DVA 5  5  5 DVA DVA B . n 
B 1 6  DGL 6  6  ? ?   ?   B . n 
B 1 7  PRO 7  7  ? ?   ?   B . n 
B 1 8  PRO 8  8  ? ?   ?   B . n 
B 1 9  DLY 9  9  ? ?   ?   B . n 
B 1 10 VAL 10 10 ? ?   ?   B . n 
# 
loop_
_pdbx_nonpoly_scheme.asym_id 
_pdbx_nonpoly_scheme.entity_id 
_pdbx_nonpoly_scheme.mon_id 
_pdbx_nonpoly_scheme.ndb_seq_num 
_pdbx_nonpoly_scheme.pdb_seq_num 
_pdbx_nonpoly_scheme.auth_seq_num 
_pdbx_nonpoly_scheme.pdb_mon_id 
_pdbx_nonpoly_scheme.auth_mon_id 
_pdbx_nonpoly_scheme.pdb_strand_id 
_pdbx_nonpoly_scheme.pdb_ins_code 
C 2 HOH 1 101 15 HOH HOH A . 
C 2 HOH 2 102 9  HOH HOH A . 
C 2 HOH 3 103 12 HOH HOH A . 
C 2 HOH 4 104 14 HOH HOH A . 
C 2 HOH 5 105 3  HOH HOH A . 
C 2 HOH 6 106 1  HOH HOH A . 
C 2 HOH 7 107 13 HOH HOH A . 
C 2 HOH 8 108 17 HOH HOH A . 
C 2 HOH 9 109 5  HOH HOH A . 
D 2 HOH 1 101 10 HOH HOH B . 
D 2 HOH 2 102 4  HOH HOH B . 
D 2 HOH 3 103 16 HOH HOH B . 
D 2 HOH 4 104 6  HOH HOH B . 
D 2 HOH 5 105 7  HOH HOH B . 
D 2 HOH 6 106 2  HOH HOH B . 
D 2 HOH 7 107 11 HOH HOH B . 
D 2 HOH 8 108 8  HOH HOH B . 
# 
loop_
_software.citation_id 
_software.classification 
_software.compiler_name 
_software.compiler_version 
_software.contact_author 
_software.contact_author_email 
_software.date 
_software.description 
_software.dependencies 
_software.hardware 
_software.language 
_software.location 
_software.mods 
_software.name 
_software.os 
_software.os_version 
_software.type 
_software.version 
_software.pdbx_ordinal 
? 'data reduction'  ? ? ? ? ? ? ? ? ? ? ? XDS         ? ? ? 20180126  1 
? 'data scaling'    ? ? ? ? ? ? ? ? ? ? ? XSCALE      ? ? ? 20180126  2 
? refinement        ? ? ? ? ? ? ? ? ? ? ? PHENIX      ? ? ? 1.16_3549 3 
? 'data extraction' ? ? ? ? ? ? ? ? ? ? ? PDB_EXTRACT ? ? ? 3.25      4 
? phasing           ? ? ? ? ? ? ? ? ? ? ? SHELXD      ? ? ? .         5 
# 
_cell.angle_alpha                  102.310 
_cell.angle_alpha_esd              ? 
_cell.angle_beta                   106.340 
_cell.angle_beta_esd               ? 
_cell.angle_gamma                  86.240 
_cell.angle_gamma_esd              ? 
_cell.entry_id                     6UF4 
_cell.details                      ? 
_cell.formula_units_Z              ? 
_cell.length_a                     14.150 
_cell.length_a_esd                 ? 
_cell.length_b                     16.410 
_cell.length_b_esd                 ? 
_cell.length_c                     16.560 
_cell.length_c_esd                 ? 
_cell.volume                       ? 
_cell.volume_esd                   ? 
_cell.Z_PDB                        4 
_cell.reciprocal_angle_alpha       ? 
_cell.reciprocal_angle_beta        ? 
_cell.reciprocal_angle_gamma       ? 
_cell.reciprocal_angle_alpha_esd   ? 
_cell.reciprocal_angle_beta_esd    ? 
_cell.reciprocal_angle_gamma_esd   ? 
_cell.reciprocal_length_a          ? 
_cell.reciprocal_length_b          ? 
_cell.reciprocal_length_c          ? 
_cell.reciprocal_length_a_esd      ? 
_cell.reciprocal_length_b_esd      ? 
_cell.reciprocal_length_c_esd      ? 
_cell.pdbx_unique_axis             ? 
# 
_symmetry.entry_id                         6UF4 
_symmetry.cell_setting                     ? 
_symmetry.Int_Tables_number                2 
_symmetry.space_group_name_Hall            ? 
_symmetry.space_group_name_H-M             'P -1' 
_symmetry.pdbx_full_space_group_name_H-M   ? 
# 
_exptl.absorpt_coefficient_mu     ? 
_exptl.absorpt_correction_T_max   ? 
_exptl.absorpt_correction_T_min   ? 
_exptl.absorpt_correction_type    ? 
_exptl.absorpt_process_details    ? 
_exptl.entry_id                   6UF4 
_exptl.crystals_number            1 
_exptl.details                    ? 
_exptl.method                     'X-RAY DIFFRACTION' 
_exptl.method_details             ? 
# 
_exptl_crystal.colour                      ? 
_exptl_crystal.density_diffrn              ? 
_exptl_crystal.density_Matthews            1.58 
_exptl_crystal.density_method              ? 
_exptl_crystal.density_percent_sol         22.25 
_exptl_crystal.description                 ? 
_exptl_crystal.F_000                       ? 
_exptl_crystal.id                          1 
_exptl_crystal.preparation                 ? 
_exptl_crystal.size_max                    ? 
_exptl_crystal.size_mid                    ? 
_exptl_crystal.size_min                    ? 
_exptl_crystal.size_rad                    ? 
_exptl_crystal.colour_lustre               ? 
_exptl_crystal.colour_modifier             ? 
_exptl_crystal.colour_primary              ? 
_exptl_crystal.density_meas                ? 
_exptl_crystal.density_meas_esd            ? 
_exptl_crystal.density_meas_gt             ? 
_exptl_crystal.density_meas_lt             ? 
_exptl_crystal.density_meas_temp           ? 
_exptl_crystal.density_meas_temp_esd       ? 
_exptl_crystal.density_meas_temp_gt        ? 
_exptl_crystal.density_meas_temp_lt        ? 
_exptl_crystal.pdbx_crystal_image_url      ? 
_exptl_crystal.pdbx_crystal_image_format   ? 
_exptl_crystal.pdbx_mosaicity              ? 
_exptl_crystal.pdbx_mosaicity_esd          ? 
# 
_exptl_crystal_grow.apparatus       ? 
_exptl_crystal_grow.atmosphere      ? 
_exptl_crystal_grow.crystal_id      1 
_exptl_crystal_grow.details         ? 
_exptl_crystal_grow.method          'VAPOR DIFFUSION, HANGING DROP' 
_exptl_crystal_grow.method_ref      ? 
_exptl_crystal_grow.pH              7.0 
_exptl_crystal_grow.pressure        ? 
_exptl_crystal_grow.pressure_esd    ? 
_exptl_crystal_grow.seeding         ? 
_exptl_crystal_grow.seeding_ref     ? 
_exptl_crystal_grow.temp            298 
_exptl_crystal_grow.temp_details    ? 
_exptl_crystal_grow.temp_esd        ? 
_exptl_crystal_grow.time            ? 
_exptl_crystal_grow.pdbx_details    '2.4 M sodium malonate' 
_exptl_crystal_grow.pdbx_pH_range   ? 
# 
_diffrn.ambient_environment              ? 
_diffrn.ambient_temp                     100 
_diffrn.ambient_temp_details             ? 
_diffrn.ambient_temp_esd                 ? 
_diffrn.crystal_id                       1 
_diffrn.crystal_support                  ? 
_diffrn.crystal_treatment                ? 
_diffrn.details                          ? 
_diffrn.id                               1 
_diffrn.ambient_pressure                 ? 
_diffrn.ambient_pressure_esd             ? 
_diffrn.ambient_pressure_gt              ? 
_diffrn.ambient_pressure_lt              ? 
_diffrn.ambient_temp_gt                  ? 
_diffrn.ambient_temp_lt                  ? 
_diffrn.pdbx_serial_crystal_experiment   N 
# 
_diffrn_detector.details                      ? 
_diffrn_detector.detector                     PIXEL 
_diffrn_detector.diffrn_id                    1 
_diffrn_detector.type                         'DECTRIS EIGER X 16M' 
_diffrn_detector.area_resol_mean              ? 
_diffrn_detector.dtime                        ? 
_diffrn_detector.pdbx_frames_total            ? 
_diffrn_detector.pdbx_collection_time_total   ? 
_diffrn_detector.pdbx_collection_date         2018-03-22 
_diffrn_detector.pdbx_frequency               ? 
# 
_diffrn_radiation.collimation                      ? 
_diffrn_radiation.diffrn_id                        1 
_diffrn_radiation.filter_edge                      ? 
_diffrn_radiation.inhomogeneity                    ? 
_diffrn_radiation.monochromator                    'Si (111)' 
_diffrn_radiation.polarisn_norm                    ? 
_diffrn_radiation.polarisn_ratio                   ? 
_diffrn_radiation.probe                            ? 
_diffrn_radiation.type                             ? 
_diffrn_radiation.xray_symbol                      ? 
_diffrn_radiation.wavelength_id                    1 
_diffrn_radiation.pdbx_monochromatic_or_laue_m_l   M 
_diffrn_radiation.pdbx_wavelength_list             ? 
_diffrn_radiation.pdbx_wavelength                  ? 
_diffrn_radiation.pdbx_diffrn_protocol             'SINGLE WAVELENGTH' 
_diffrn_radiation.pdbx_analyzer                    ? 
_diffrn_radiation.pdbx_scattering_type             x-ray 
# 
_diffrn_radiation_wavelength.id           1 
_diffrn_radiation_wavelength.wavelength   0.97918 
_diffrn_radiation_wavelength.wt           1.0 
# 
_diffrn_source.current                     ? 
_diffrn_source.details                     ? 
_diffrn_source.diffrn_id                   1 
_diffrn_source.power                       ? 
_diffrn_source.size                        ? 
_diffrn_source.source                      SYNCHROTRON 
_diffrn_source.target                      ? 
_diffrn_source.type                        'APS BEAMLINE 24-ID-E' 
_diffrn_source.voltage                     ? 
_diffrn_source.take-off_angle              ? 
_diffrn_source.pdbx_wavelength_list        0.97918 
_diffrn_source.pdbx_wavelength             ? 
_diffrn_source.pdbx_synchrotron_beamline   24-ID-E 
_diffrn_source.pdbx_synchrotron_site       APS 
# 
_reflns.B_iso_Wilson_estimate            0.680 
_reflns.entry_id                         6UF4 
_reflns.data_reduction_details           ? 
_reflns.data_reduction_method            ? 
_reflns.d_resolution_high                1.100 
_reflns.d_resolution_low                 16.033 
_reflns.details                          ? 
_reflns.limit_h_max                      ? 
_reflns.limit_h_min                      ? 
_reflns.limit_k_max                      ? 
_reflns.limit_k_min                      ? 
_reflns.limit_l_max                      ? 
_reflns.limit_l_min                      ? 
_reflns.number_all                       ? 
_reflns.number_obs                       5355 
_reflns.observed_criterion               ? 
_reflns.observed_criterion_F_max         ? 
_reflns.observed_criterion_F_min         ? 
_reflns.observed_criterion_I_max         ? 
_reflns.observed_criterion_I_min         ? 
_reflns.observed_criterion_sigma_F       ? 
_reflns.observed_criterion_sigma_I       ? 
_reflns.percent_possible_obs             94.300 
_reflns.R_free_details                   ? 
_reflns.Rmerge_F_all                     ? 
_reflns.Rmerge_F_obs                     ? 
_reflns.Friedel_coverage                 ? 
_reflns.number_gt                        ? 
_reflns.threshold_expression             ? 
_reflns.pdbx_redundancy                  5.815 
_reflns.pdbx_Rmerge_I_obs                0.059 
_reflns.pdbx_Rmerge_I_all                ? 
_reflns.pdbx_Rsym_value                  ? 
_reflns.pdbx_netI_over_av_sigmaI         ? 
_reflns.pdbx_netI_over_sigmaI            19.140 
_reflns.pdbx_res_netI_over_av_sigmaI_2   ? 
_reflns.pdbx_res_netI_over_sigmaI_2      ? 
_reflns.pdbx_chi_squared                 0.992 
_reflns.pdbx_scaling_rejects             200 
_reflns.pdbx_d_res_high_opt              ? 
_reflns.pdbx_d_res_low_opt               ? 
_reflns.pdbx_d_res_opt_method            ? 
_reflns.phase_calculation_details        ? 
_reflns.pdbx_Rrim_I_all                  0.065 
_reflns.pdbx_Rpim_I_all                  ? 
_reflns.pdbx_d_opt                       ? 
_reflns.pdbx_number_measured_all         31141 
_reflns.pdbx_diffrn_id                   1 
_reflns.pdbx_ordinal                     1 
_reflns.pdbx_CC_half                     0.995 
_reflns.pdbx_R_split                     ? 
# 
loop_
_reflns_shell.d_res_high 
_reflns_shell.d_res_low 
_reflns_shell.meanI_over_sigI_all 
_reflns_shell.meanI_over_sigI_obs 
_reflns_shell.number_measured_all 
_reflns_shell.number_measured_obs 
_reflns_shell.number_possible 
_reflns_shell.number_unique_all 
_reflns_shell.number_unique_obs 
_reflns_shell.percent_possible_all 
_reflns_shell.percent_possible_obs 
_reflns_shell.Rmerge_F_all 
_reflns_shell.Rmerge_F_obs 
_reflns_shell.Rmerge_I_all 
_reflns_shell.Rmerge_I_obs 
_reflns_shell.meanI_over_sigI_gt 
_reflns_shell.meanI_over_uI_all 
_reflns_shell.meanI_over_uI_gt 
_reflns_shell.number_measured_gt 
_reflns_shell.number_unique_gt 
_reflns_shell.percent_possible_gt 
_reflns_shell.Rmerge_F_gt 
_reflns_shell.Rmerge_I_gt 
_reflns_shell.pdbx_redundancy 
_reflns_shell.pdbx_Rsym_value 
_reflns_shell.pdbx_chi_squared 
_reflns_shell.pdbx_netI_over_sigmaI_all 
_reflns_shell.pdbx_netI_over_sigmaI_obs 
_reflns_shell.pdbx_Rrim_I_all 
_reflns_shell.pdbx_Rpim_I_all 
_reflns_shell.pdbx_rejects 
_reflns_shell.pdbx_ordinal 
_reflns_shell.pdbx_diffrn_id 
_reflns_shell.pdbx_CC_half 
_reflns_shell.pdbx_R_split 
1.100 1.130  ? 15.050 ? ? ? ? 350 90.000  ? ? ? ? 0.048 ? ? ? ? ? ? ? ? 4.891 ? ? ? ? 0.054 ? ? 1  1 0.998 ? 
1.130 1.160  ? 17.000 ? ? ? ? 431 99.300  ? ? ? ? 0.050 ? ? ? ? ? ? ? ? 5.870 ? ? ? ? 0.055 ? ? 2  1 0.998 ? 
1.160 1.190  ? 18.700 ? ? ? ? 381 97.900  ? ? ? ? 0.051 ? ? ? ? ? ? ? ? 6.052 ? ? ? ? 0.056 ? ? 3  1 0.998 ? 
1.190 1.230  ? 18.550 ? ? ? ? 397 100.000 ? ? ? ? 0.052 ? ? ? ? ? ? ? ? 5.924 ? ? ? ? 0.057 ? ? 4  1 0.998 ? 
1.230 1.270  ? 18.570 ? ? ? ? 373 98.900  ? ? ? ? 0.052 ? ? ? ? ? ? ? ? 6.123 ? ? ? ? 0.057 ? ? 5  1 0.998 ? 
1.270 1.310  ? 18.030 ? ? ? ? 356 99.400  ? ? ? ? 0.055 ? ? ? ? ? ? ? ? 5.840 ? ? ? ? 0.060 ? ? 6  1 0.998 ? 
1.310 1.360  ? 19.660 ? ? ? ? 352 100.00  ? ? ? ? 0.054 ? ? ? ? ? ? ? ? 6.182 ? ? ? ? 0.059 ? ? 7  1 0.997 ? 
1.360 1.420  ? 20.330 ? ? ? ? 338 98.300  ? ? ? ? 0.054 ? ? ? ? ? ? ? ? 6.331 ? ? ? ? 0.059 ? ? 8  1 0.995 ? 
1.420 1.480  ? 20.360 ? ? ? ? 316 100.000 ? ? ? ? 0.060 ? ? ? ? ? ? ? ? 6.421 ? ? ? ? 0.066 ? ? 9  1 0.996 ? 
1.480 1.560  ? 21.350 ? ? ? ? 295 99.700  ? ? ? ? 0.057 ? ? ? ? ? ? ? ? 6.407 ? ? ? ? 0.062 ? ? 10 1 0.997 ? 
1.560 1.640  ? 20.340 ? ? ? ? 311 99.000  ? ? ? ? 0.062 ? ? ? ? ? ? ? ? 6.273 ? ? ? ? 0.068 ? ? 11 1 0.996 ? 
1.640 1.740  ? 19.730 ? ? ? ? 265 97.100  ? ? ? ? 0.062 ? ? ? ? ? ? ? ? 5.679 ? ? ? ? 0.069 ? ? 12 1 0.996 ? 
1.740 1.860  ? 20.920 ? ? ? ? 257 95.900  ? ? ? ? 0.071 ? ? ? ? ? ? ? ? 5.759 ? ? ? ? 0.080 ? ? 13 1 0.992 ? 
1.860 2.010  ? 21.290 ? ? ? ? 232 95.900  ? ? ? ? 0.073 ? ? ? ? ? ? ? ? 5.819 ? ? ? ? 0.083 ? ? 14 1 0.987 ? 
2.010 2.200  ? 19.780 ? ? ? ? 179 86.100  ? ? ? ? 0.074 ? ? ? ? ? ? ? ? 5.291 ? ? ? ? 0.084 ? ? 15 1 0.992 ? 
2.200 2.460  ? 21.410 ? ? ? ? 177 83.100  ? ? ? ? 0.072 ? ? ? ? ? ? ? ? 5.401 ? ? ? ? 0.082 ? ? 16 1 0.988 ? 
2.460 2.840  ? 19.660 ? ? ? ? 142 76.300  ? ? ? ? 0.068 ? ? ? ? ? ? ? ? 4.775 ? ? ? ? 0.077 ? ? 17 1 0.991 ? 
2.840 3.480  ? 16.880 ? ? ? ? 96  67.100  ? ? ? ? 0.083 ? ? ? ? ? ? ? ? 3.635 ? ? ? ? 0.099 ? ? 18 1 0.974 ? 
3.480 4.920  ? 18.370 ? ? ? ? 70  58.300  ? ? ? ? 0.091 ? ? ? ? ? ? ? ? 4.057 ? ? ? ? 0.106 ? ? 19 1 0.978 ? 
4.920 16.033 ? 16.700 ? ? ? ? 37  58.700  ? ? ? ? 0.106 ? ? ? ? ? ? ? ? 3.865 ? ? ? ? 0.123 ? ? 20 1 0.974 ? 
# 
_refine.aniso_B[1][1]                            ? 
_refine.aniso_B[1][2]                            ? 
_refine.aniso_B[1][3]                            ? 
_refine.aniso_B[2][2]                            ? 
_refine.aniso_B[2][3]                            ? 
_refine.aniso_B[3][3]                            ? 
_refine.B_iso_max                                6.500 
_refine.B_iso_mean                               1.1780 
_refine.B_iso_min                                0.050 
_refine.correlation_coeff_Fo_to_Fc               ? 
_refine.correlation_coeff_Fo_to_Fc_free          ? 
_refine.details                                  ? 
_refine.diff_density_max                         ? 
_refine.diff_density_max_esd                     ? 
_refine.diff_density_min                         ? 
_refine.diff_density_min_esd                     ? 
_refine.diff_density_rms                         ? 
_refine.diff_density_rms_esd                     ? 
_refine.entry_id                                 6UF4 
_refine.pdbx_refine_id                           'X-RAY DIFFRACTION' 
_refine.ls_abs_structure_details                 ? 
_refine.ls_abs_structure_Flack                   ? 
_refine.ls_abs_structure_Flack_esd               ? 
_refine.ls_abs_structure_Rogers                  ? 
_refine.ls_abs_structure_Rogers_esd              ? 
_refine.ls_d_res_high                            1.1000 
_refine.ls_d_res_low                             16.0330 
_refine.ls_extinction_coef                       ? 
_refine.ls_extinction_coef_esd                   ? 
_refine.ls_extinction_expression                 ? 
_refine.ls_extinction_method                     ? 
_refine.ls_goodness_of_fit_all                   ? 
_refine.ls_goodness_of_fit_all_esd               ? 
_refine.ls_goodness_of_fit_obs                   ? 
_refine.ls_goodness_of_fit_obs_esd               ? 
_refine.ls_hydrogen_treatment                    ? 
_refine.ls_matrix_type                           ? 
_refine.ls_number_constraints                    ? 
_refine.ls_number_parameters                     ? 
_refine.ls_number_reflns_all                     ? 
_refine.ls_number_reflns_obs                     5329 
_refine.ls_number_reflns_R_free                  534 
_refine.ls_number_reflns_R_work                  ? 
_refine.ls_number_restraints                     ? 
_refine.ls_percent_reflns_obs                    94.0900 
_refine.ls_percent_reflns_R_free                 10.0200 
_refine.ls_R_factor_all                          ? 
_refine.ls_R_factor_obs                          0.0882 
_refine.ls_R_factor_R_free                       0.1014 
_refine.ls_R_factor_R_free_error                 ? 
_refine.ls_R_factor_R_free_error_details         ? 
_refine.ls_R_factor_R_work                       0.0869 
_refine.ls_R_Fsqd_factor_obs                     ? 
_refine.ls_R_I_factor_obs                        ? 
_refine.ls_redundancy_reflns_all                 ? 
_refine.ls_redundancy_reflns_obs                 ? 
_refine.ls_restrained_S_all                      ? 
_refine.ls_restrained_S_obs                      ? 
_refine.ls_shift_over_esd_max                    ? 
_refine.ls_shift_over_esd_mean                   ? 
_refine.ls_structure_factor_coef                 ? 
_refine.ls_weighting_details                     ? 
_refine.ls_weighting_scheme                      ? 
_refine.ls_wR_factor_all                         ? 
_refine.ls_wR_factor_obs                         ? 
_refine.ls_wR_factor_R_free                      ? 
_refine.ls_wR_factor_R_work                      ? 
_refine.occupancy_max                            ? 
_refine.occupancy_min                            ? 
_refine.solvent_model_details                    ? 
_refine.solvent_model_param_bsol                 ? 
_refine.solvent_model_param_ksol                 ? 
_refine.ls_R_factor_gt                           ? 
_refine.ls_goodness_of_fit_gt                    ? 
_refine.ls_goodness_of_fit_ref                   ? 
_refine.ls_shift_over_su_max                     ? 
_refine.ls_shift_over_su_max_lt                  ? 
_refine.ls_shift_over_su_mean                    ? 
_refine.ls_shift_over_su_mean_lt                 ? 
_refine.pdbx_ls_sigma_I                          ? 
_refine.pdbx_ls_sigma_F                          1.630 
_refine.pdbx_ls_sigma_Fsqd                       ? 
_refine.pdbx_data_cutoff_high_absF               ? 
_refine.pdbx_data_cutoff_high_rms_absF           ? 
_refine.pdbx_data_cutoff_low_absF                ? 
_refine.pdbx_isotropic_thermal_model             ? 
_refine.pdbx_ls_cross_valid_method               THROUGHOUT 
_refine.pdbx_method_to_determine_struct          'AB INITIO PHASING' 
_refine.pdbx_starting_model                      ? 
_refine.pdbx_stereochemistry_target_values       ? 
_refine.pdbx_R_Free_selection_details            ? 
_refine.pdbx_stereochem_target_val_spec_case     ? 
_refine.pdbx_overall_ESU_R                       ? 
_refine.pdbx_overall_ESU_R_Free                  ? 
_refine.pdbx_solvent_vdw_probe_radii             1.1100 
_refine.pdbx_solvent_ion_probe_radii             ? 
_refine.pdbx_solvent_shrinkage_radii             0.9000 
_refine.pdbx_real_space_R                        ? 
_refine.pdbx_density_correlation                 ? 
_refine.pdbx_pd_number_of_powder_patterns        ? 
_refine.pdbx_pd_number_of_points                 ? 
_refine.pdbx_pd_meas_number_of_points            ? 
_refine.pdbx_pd_proc_ls_prof_R_factor            ? 
_refine.pdbx_pd_proc_ls_prof_wR_factor           ? 
_refine.pdbx_pd_Marquardt_correlation_coeff      ? 
_refine.pdbx_pd_Fsqrd_R_factor                   ? 
_refine.pdbx_pd_ls_matrix_band_width             ? 
_refine.pdbx_overall_phase_error                 5.4100 
_refine.pdbx_overall_SU_R_free_Cruickshank_DPI   ? 
_refine.pdbx_overall_SU_R_free_Blow_DPI          ? 
_refine.pdbx_overall_SU_R_Blow_DPI               ? 
_refine.pdbx_TLS_residual_ADP_flag               ? 
_refine.pdbx_diffrn_id                           1 
_refine.overall_SU_B                             ? 
_refine.overall_SU_ML                            0.0400 
_refine.overall_SU_R_Cruickshank_DPI             ? 
_refine.overall_SU_R_free                        ? 
_refine.overall_FOM_free_R_set                   ? 
_refine.overall_FOM_work_R_set                   ? 
_refine.pdbx_average_fsc_overall                 ? 
_refine.pdbx_average_fsc_work                    ? 
_refine.pdbx_average_fsc_free                    ? 
# 
_refine_hist.pdbx_refine_id                   'X-RAY DIFFRACTION' 
_refine_hist.cycle_id                         final 
_refine_hist.details                          ? 
_refine_hist.d_res_high                       1.1000 
_refine_hist.d_res_low                        16.0330 
_refine_hist.number_atoms_solvent             44 
_refine_hist.number_atoms_total               314 
_refine_hist.number_reflns_all                ? 
_refine_hist.number_reflns_obs                ? 
_refine_hist.number_reflns_R_free             ? 
_refine_hist.number_reflns_R_work             ? 
_refine_hist.R_factor_all                     ? 
_refine_hist.R_factor_obs                     ? 
_refine_hist.R_factor_R_free                  ? 
_refine_hist.R_factor_R_work                  ? 
_refine_hist.pdbx_number_residues_total       0 
_refine_hist.pdbx_B_iso_mean_ligand           0.88 
_refine_hist.pdbx_B_iso_mean_solvent          2.32 
_refine_hist.pdbx_number_atoms_protein        78 
_refine_hist.pdbx_number_atoms_nucleic_acid   0 
_refine_hist.pdbx_number_atoms_ligand         192 
_refine_hist.pdbx_number_atoms_lipid          ? 
_refine_hist.pdbx_number_atoms_carb           ? 
_refine_hist.pdbx_pseudo_atom_details         ? 
# 
loop_
_refine_ls_shell.pdbx_refine_id 
_refine_ls_shell.d_res_high 
_refine_ls_shell.d_res_low 
_refine_ls_shell.number_reflns_all 
_refine_ls_shell.number_reflns_obs 
_refine_ls_shell.number_reflns_R_free 
_refine_ls_shell.number_reflns_R_work 
_refine_ls_shell.percent_reflns_obs 
_refine_ls_shell.percent_reflns_R_free 
_refine_ls_shell.R_factor_all 
_refine_ls_shell.R_factor_obs 
_refine_ls_shell.R_factor_R_free 
_refine_ls_shell.R_factor_R_free_error 
_refine_ls_shell.R_factor_R_work 
_refine_ls_shell.redundancy_reflns_all 
_refine_ls_shell.redundancy_reflns_obs 
_refine_ls_shell.wR_factor_all 
_refine_ls_shell.wR_factor_obs 
_refine_ls_shell.wR_factor_R_free 
_refine_ls_shell.wR_factor_R_work 
_refine_ls_shell.pdbx_total_number_of_bins_used 
_refine_ls_shell.pdbx_phase_error 
_refine_ls_shell.pdbx_fsc_work 
_refine_ls_shell.pdbx_fsc_free 
'X-RAY DIFFRACTION' 1.1001 1.2107 . . 136 1218 97.0000  . . . 0.0918 0.0000 0.0661 . . . . . . . . . . 
'X-RAY DIFFRACTION' 1.2107 1.3858 . . 142 1284 100.0000 . . . 0.0856 0.0000 0.0687 . . . . . . . . . . 
'X-RAY DIFFRACTION' 1.3858 1.7457 . . 140 1259 99.0000  . . . 0.0941 0.0000 0.0794 . . . . . . . . . . 
'X-RAY DIFFRACTION' 1.7457 16.033 . . 116 1034 81.0000  . . . 0.1304 0.0000 0.1298 . . . . . . . . . . 
# 
_struct.entry_id                     6UF4 
_struct.title                        'S2 symmetric peptide design number 4 crystal form 2, Pugsley' 
_struct.pdbx_model_details           'S2 symmetric cyclic peptide' 
_struct.pdbx_formula_weight          ? 
_struct.pdbx_formula_weight_method   ? 
_struct.pdbx_model_type_details      ? 
_struct.pdbx_CASP_flag               N 
# 
_struct_keywords.entry_id        6UF4 
_struct_keywords.text            'cyclic peptide, centrosymmetric macrocycle, L and D-amino acids, DE NOVO PROTEIN' 
_struct_keywords.pdbx_keywords   'DE NOVO PROTEIN' 
# 
loop_
_struct_asym.id 
_struct_asym.pdbx_blank_PDB_chainid_flag 
_struct_asym.pdbx_modified 
_struct_asym.entity_id 
_struct_asym.details 
A N N 1 ? 
B N N 1 ? 
C N N 2 ? 
D N N 2 ? 
# 
_struct_ref.id                         1 
_struct_ref.db_name                    PDB 
_struct_ref.db_code                    6UF4 
_struct_ref.pdbx_db_accession          6UF4 
_struct_ref.pdbx_db_isoform            ? 
_struct_ref.entity_id                  1 
_struct_ref.pdbx_seq_one_letter_code   ? 
_struct_ref.pdbx_align_begin           1 
# 
loop_
_struct_ref_seq.align_id 
_struct_ref_seq.ref_id 
_struct_ref_seq.pdbx_PDB_id_code 
_struct_ref_seq.pdbx_strand_id 
_struct_ref_seq.seq_align_beg 
_struct_ref_seq.pdbx_seq_align_beg_ins_code 
_struct_ref_seq.seq_align_end 
_struct_ref_seq.pdbx_seq_align_end_ins_code 
_struct_ref_seq.pdbx_db_accession 
_struct_ref_seq.db_align_beg 
_struct_ref_seq.pdbx_db_align_beg_ins_code 
_struct_ref_seq.db_align_end 
_struct_ref_seq.pdbx_db_align_end_ins_code 
_struct_ref_seq.pdbx_auth_seq_align_beg 
_struct_ref_seq.pdbx_auth_seq_align_end 
1 1 6UF4 A 1 ? 10 ? 6UF4 1 ? 10 ? 1 10 
2 1 6UF4 B 1 ? 10 ? 6UF4 1 ? 10 ? 1 10 
# 
loop_
_pdbx_struct_assembly.id 
_pdbx_struct_assembly.details 
_pdbx_struct_assembly.method_details 
_pdbx_struct_assembly.oligomeric_details 
_pdbx_struct_assembly.oligomeric_count 
1 author_defined_assembly ? dimeric 2 
2 author_defined_assembly ? dimeric 2 
# 
loop_
_pdbx_struct_assembly_gen.assembly_id 
_pdbx_struct_assembly_gen.oper_expression 
_pdbx_struct_assembly_gen.asym_id_list 
1 1,2 A,C 
2 1,3 B,D 
# 
loop_
_pdbx_struct_assembly_auth_evidence.id 
_pdbx_struct_assembly_auth_evidence.assembly_id 
_pdbx_struct_assembly_auth_evidence.experimental_support 
_pdbx_struct_assembly_auth_evidence.details 
1 1 none ? 
2 2 none ? 
# 
loop_
_pdbx_struct_oper_list.id 
_pdbx_struct_oper_list.type 
_pdbx_struct_oper_list.name 
_pdbx_struct_oper_list.symmetry_operation 
_pdbx_struct_oper_list.matrix[1][1] 
_pdbx_struct_oper_list.matrix[1][2] 
_pdbx_struct_oper_list.matrix[1][3] 
_pdbx_struct_oper_list.vector[1] 
_pdbx_struct_oper_list.matrix[2][1] 
_pdbx_struct_oper_list.matrix[2][2] 
_pdbx_struct_oper_list.matrix[2][3] 
_pdbx_struct_oper_list.vector[2] 
_pdbx_struct_oper_list.matrix[3][1] 
_pdbx_struct_oper_list.matrix[3][2] 
_pdbx_struct_oper_list.matrix[3][3] 
_pdbx_struct_oper_list.vector[3] 
1 'identity operation'         1_555 x,y,z        1.0000000000  0.0000000000 0.0000000000 0.0000000000 0.0000000000 1.0000000000  0.0000000000 0.0000000000   0.0000000000 0.0000000000 1.0000000000  0.0000000000   
2 'crystal symmetry operation' 2_555 -x,-y,-z     -1.0000000000 0.0000000000 0.0000000000 4.0386467998 0.0000000000 -1.0000000000 0.0000000000 -12.5402221392 0.0000000000 0.0000000000 -1.0000000000 -11.3796845850 
3 'crystal symmetry operation' 2_665 -x+1,-y+1,-z -1.0000000000 0.0000000000 0.0000000000 3.0828818699 0.0000000000 -1.0000000000 0.0000000000 8.0762895292   0.0000000000 0.0000000000 -1.0000000000 -2.7767287523 
# 
loop_
_struct_conn.id 
_struct_conn.conn_type_id 
_struct_conn.pdbx_leaving_atom_flag 
_struct_conn.pdbx_PDB_id 
_struct_conn.ptnr1_label_asym_id 
_struct_conn.ptnr1_label_comp_id 
_struct_conn.ptnr1_label_seq_id 
_struct_conn.ptnr1_label_atom_id 
_struct_conn.pdbx_ptnr1_label_alt_id 
_struct_conn.pdbx_ptnr1_PDB_ins_code 
_struct_conn.pdbx_ptnr1_standard_comp_id 
_struct_conn.ptnr1_symmetry 
_struct_conn.ptnr2_label_asym_id 
_struct_conn.ptnr2_label_comp_id 
_struct_conn.ptnr2_label_seq_id 
_struct_conn.ptnr2_label_atom_id 
_struct_conn.pdbx_ptnr2_label_alt_id 
_struct_conn.pdbx_ptnr2_PDB_ins_code 
_struct_conn.ptnr1_auth_asym_id 
_struct_conn.ptnr1_auth_comp_id 
_struct_conn.ptnr1_auth_seq_id 
_struct_conn.ptnr2_auth_asym_id 
_struct_conn.ptnr2_auth_comp_id 
_struct_conn.ptnr2_auth_seq_id 
_struct_conn.ptnr2_symmetry 
_struct_conn.pdbx_ptnr3_label_atom_id 
_struct_conn.pdbx_ptnr3_label_seq_id 
_struct_conn.pdbx_ptnr3_label_comp_id 
_struct_conn.pdbx_ptnr3_label_asym_id 
_struct_conn.pdbx_ptnr3_label_alt_id 
_struct_conn.pdbx_ptnr3_PDB_ins_code 
_struct_conn.details 
_struct_conn.pdbx_dist_value 
_struct_conn.pdbx_value_order 
_struct_conn.pdbx_role 
covale1  covale both ? A GLU 1 C ? ? ? 1_555 A DPR 2 N ? ? A GLU 1 A DPR 2 1_555 ? ? ? ? ? ? ? 1.349 ? ? 
covale2  covale both ? A GLU 1 N ? ? ? 1_555 A DVA 5 C ? ? A GLU 1 A DVA 5 2_555 ? ? ? ? ? ? ? 1.359 ? ? 
covale3  covale both ? A DPR 2 C ? ? ? 1_555 A DPR 3 N ? ? A DPR 2 A DPR 3 1_555 ? ? ? ? ? ? ? 1.349 ? ? 
covale4  covale both ? A DPR 3 C ? ? ? 1_555 A LYS 4 N ? ? A DPR 3 A LYS 4 1_555 ? ? ? ? ? ? ? 1.331 ? ? 
covale5  covale both ? A LYS 4 C ? ? ? 1_555 A DVA 5 N ? ? A LYS 4 A DVA 5 1_555 ? ? ? ? ? ? ? 1.341 ? ? 
covale6  covale both ? B GLU 1 C ? ? ? 1_555 B DPR 2 N ? ? B GLU 1 B DPR 2 1_555 ? ? ? ? ? ? ? 1.350 ? ? 
covale7  covale both ? B GLU 1 N ? ? ? 1_555 B DVA 5 C ? ? B GLU 1 B DVA 5 2_665 ? ? ? ? ? ? ? 1.354 ? ? 
covale8  covale both ? B DPR 2 C ? ? ? 1_555 B DPR 3 N ? ? B DPR 2 B DPR 3 1_555 ? ? ? ? ? ? ? 1.350 ? ? 
covale9  covale both ? B DPR 3 C ? ? ? 1_555 B LYS 4 N ? ? B DPR 3 B LYS 4 1_555 ? ? ? ? ? ? ? 1.335 ? ? 
covale10 covale both ? B LYS 4 C ? ? ? 1_555 B DVA 5 N ? ? B LYS 4 B DVA 5 1_555 ? ? ? ? ? ? ? 1.339 ? ? 
# 
_struct_conn_type.id          covale 
_struct_conn_type.criteria    ? 
_struct_conn_type.reference   ? 
# 
loop_
_pdbx_modification_feature.ordinal 
_pdbx_modification_feature.label_comp_id 
_pdbx_modification_feature.label_asym_id 
_pdbx_modification_feature.label_seq_id 
_pdbx_modification_feature.label_alt_id 
_pdbx_modification_feature.modified_residue_label_comp_id 
_pdbx_modification_feature.modified_residue_label_asym_id 
_pdbx_modification_feature.modified_residue_label_seq_id 
_pdbx_modification_feature.modified_residue_label_alt_id 
_pdbx_modification_feature.auth_comp_id 
_pdbx_modification_feature.auth_asym_id 
_pdbx_modification_feature.auth_seq_id 
_pdbx_modification_feature.PDB_ins_code 
_pdbx_modification_feature.symmetry 
_pdbx_modification_feature.modified_residue_auth_comp_id 
_pdbx_modification_feature.modified_residue_auth_asym_id 
_pdbx_modification_feature.modified_residue_auth_seq_id 
_pdbx_modification_feature.modified_residue_PDB_ins_code 
_pdbx_modification_feature.modified_residue_symmetry 
_pdbx_modification_feature.comp_id_linking_atom 
_pdbx_modification_feature.modified_residue_id_linking_atom 
_pdbx_modification_feature.modified_residue_id 
_pdbx_modification_feature.ref_pcm_id 
_pdbx_modification_feature.ref_comp_id 
_pdbx_modification_feature.type 
_pdbx_modification_feature.category 
1 GLU A 1 ? DVA A 5 ? GLU A 1 ? 1_555 DVA A 5 ? 2_555 N C . . . None 'Non-standard linkage' 
2 GLU B 1 ? DVA B 5 ? GLU B 1 ? 1_555 DVA B 5 ? 2_665 N C . . . None 'Non-standard linkage' 
# 
_pdbx_entry_details.entry_id                   6UF4 
_pdbx_entry_details.has_ligand_of_interest     N 
_pdbx_entry_details.compound_details           
'The asymmetric unit contains half of the molecule. The second half is generated by a crystallographic symmetry operator.' 
_pdbx_entry_details.source_details             ? 
_pdbx_entry_details.nonpolymer_details         ? 
_pdbx_entry_details.sequence_details           ? 
_pdbx_entry_details.has_protein_modification   Y 
# 
loop_
_pdbx_unobs_or_zero_occ_residues.id 
_pdbx_unobs_or_zero_occ_residues.PDB_model_num 
_pdbx_unobs_or_zero_occ_residues.polymer_flag 
_pdbx_unobs_or_zero_occ_residues.occupancy_flag 
_pdbx_unobs_or_zero_occ_residues.auth_asym_id 
_pdbx_unobs_or_zero_occ_residues.auth_comp_id 
_pdbx_unobs_or_zero_occ_residues.auth_seq_id 
_pdbx_unobs_or_zero_occ_residues.PDB_ins_code 
_pdbx_unobs_or_zero_occ_residues.label_asym_id 
_pdbx_unobs_or_zero_occ_residues.label_comp_id 
_pdbx_unobs_or_zero_occ_residues.label_seq_id 
1  1 Y 1 A DGL 6  ? A DGL 6  
2  1 Y 1 A PRO 7  ? A PRO 7  
3  1 Y 1 A PRO 8  ? A PRO 8  
4  1 Y 1 A DLY 9  ? A DLY 9  
5  1 Y 1 A VAL 10 ? A VAL 10 
6  1 Y 1 B DGL 6  ? B DGL 6  
7  1 Y 1 B PRO 7  ? B PRO 7  
8  1 Y 1 B PRO 8  ? B PRO 8  
9  1 Y 1 B DLY 9  ? B DLY 9  
10 1 Y 1 B VAL 10 ? B VAL 10 
# 
loop_
_chem_comp_atom.comp_id 
_chem_comp_atom.atom_id 
_chem_comp_atom.type_symbol 
_chem_comp_atom.pdbx_aromatic_flag 
_chem_comp_atom.pdbx_stereo_config 
_chem_comp_atom.pdbx_ordinal 
DGL N    N N N 1   
DGL CA   C N R 2   
DGL C    C N N 3   
DGL O    O N N 4   
DGL CB   C N N 5   
DGL CG   C N N 6   
DGL CD   C N N 7   
DGL OE1  O N N 8   
DGL OE2  O N N 9   
DGL OXT  O N N 10  
DGL H    H N N 11  
DGL H2   H N N 12  
DGL HA   H N N 13  
DGL HB2  H N N 14  
DGL HB3  H N N 15  
DGL HG2  H N N 16  
DGL HG3  H N N 17  
DGL HE2  H N N 18  
DGL HXT  H N N 19  
DLY N    N N N 20  
DLY CA   C N R 21  
DLY C    C N N 22  
DLY O    O N N 23  
DLY CB   C N N 24  
DLY CG   C N N 25  
DLY CD   C N N 26  
DLY CE   C N N 27  
DLY NZ   N N N 28  
DLY OXT  O N N 29  
DLY H    H N N 30  
DLY H2   H N N 31  
DLY HA   H N N 32  
DLY HB2  H N N 33  
DLY HB3  H N N 34  
DLY HG2  H N N 35  
DLY HG3  H N N 36  
DLY HD2  H N N 37  
DLY HD3  H N N 38  
DLY HE2  H N N 39  
DLY HE3  H N N 40  
DLY HZ1  H N N 41  
DLY HZ2  H N N 42  
DLY HXT  H N N 43  
DPR N    N N N 44  
DPR CA   C N R 45  
DPR CB   C N N 46  
DPR CG   C N N 47  
DPR CD   C N N 48  
DPR C    C N N 49  
DPR O    O N N 50  
DPR OXT  O N N 51  
DPR H    H N N 52  
DPR HA   H N N 53  
DPR HB2  H N N 54  
DPR HB3  H N N 55  
DPR HG2  H N N 56  
DPR HG3  H N N 57  
DPR HD2  H N N 58  
DPR HD3  H N N 59  
DPR HXT  H N N 60  
DVA N    N N N 61  
DVA CA   C N R 62  
DVA CB   C N N 63  
DVA CG1  C N N 64  
DVA CG2  C N N 65  
DVA C    C N N 66  
DVA O    O N N 67  
DVA OXT  O N N 68  
DVA H    H N N 69  
DVA H2   H N N 70  
DVA HA   H N N 71  
DVA HB   H N N 72  
DVA HG11 H N N 73  
DVA HG12 H N N 74  
DVA HG13 H N N 75  
DVA HG21 H N N 76  
DVA HG22 H N N 77  
DVA HG23 H N N 78  
DVA HXT  H N N 79  
GLU N    N N N 80  
GLU CA   C N S 81  
GLU C    C N N 82  
GLU O    O N N 83  
GLU CB   C N N 84  
GLU CG   C N N 85  
GLU CD   C N N 86  
GLU OE1  O N N 87  
GLU OE2  O N N 88  
GLU OXT  O N N 89  
GLU H    H N N 90  
GLU H2   H N N 91  
GLU HA   H N N 92  
GLU HB2  H N N 93  
GLU HB3  H N N 94  
GLU HG2  H N N 95  
GLU HG3  H N N 96  
GLU HE2  H N N 97  
GLU HXT  H N N 98  
HOH O    O N N 99  
HOH H1   H N N 100 
HOH H2   H N N 101 
LYS N    N N N 102 
LYS CA   C N S 103 
LYS C    C N N 104 
LYS O    O N N 105 
LYS CB   C N N 106 
LYS CG   C N N 107 
LYS CD   C N N 108 
LYS CE   C N N 109 
LYS NZ   N N N 110 
LYS OXT  O N N 111 
LYS H    H N N 112 
LYS H2   H N N 113 
LYS HA   H N N 114 
LYS HB2  H N N 115 
LYS HB3  H N N 116 
LYS HG2  H N N 117 
LYS HG3  H N N 118 
LYS HD2  H N N 119 
LYS HD3  H N N 120 
LYS HE2  H N N 121 
LYS HE3  H N N 122 
LYS HZ1  H N N 123 
LYS HZ2  H N N 124 
LYS HZ3  H N N 125 
LYS HXT  H N N 126 
PRO N    N N N 127 
PRO CA   C N S 128 
PRO C    C N N 129 
PRO O    O N N 130 
PRO CB   C N N 131 
PRO CG   C N N 132 
PRO CD   C N N 133 
PRO OXT  O N N 134 
PRO H    H N N 135 
PRO HA   H N N 136 
PRO HB2  H N N 137 
PRO HB3  H N N 138 
PRO HG2  H N N 139 
PRO HG3  H N N 140 
PRO HD2  H N N 141 
PRO HD3  H N N 142 
PRO HXT  H N N 143 
VAL N    N N N 144 
VAL CA   C N S 145 
VAL C    C N N 146 
VAL O    O N N 147 
VAL CB   C N N 148 
VAL CG1  C N N 149 
VAL CG2  C N N 150 
VAL OXT  O N N 151 
VAL H    H N N 152 
VAL H2   H N N 153 
VAL HA   H N N 154 
VAL HB   H N N 155 
VAL HG11 H N N 156 
VAL HG12 H N N 157 
VAL HG13 H N N 158 
VAL HG21 H N N 159 
VAL HG22 H N N 160 
VAL HG23 H N N 161 
VAL HXT  H N N 162 
# 
loop_
_chem_comp_bond.comp_id 
_chem_comp_bond.atom_id_1 
_chem_comp_bond.atom_id_2 
_chem_comp_bond.value_order 
_chem_comp_bond.pdbx_aromatic_flag 
_chem_comp_bond.pdbx_stereo_config 
_chem_comp_bond.pdbx_ordinal 
DGL N   CA   sing N N 1   
DGL N   H    sing N N 2   
DGL N   H2   sing N N 3   
DGL CA  C    sing N N 4   
DGL CA  CB   sing N N 5   
DGL CA  HA   sing N N 6   
DGL C   O    doub N N 7   
DGL C   OXT  sing N N 8   
DGL CB  CG   sing N N 9   
DGL CB  HB2  sing N N 10  
DGL CB  HB3  sing N N 11  
DGL CG  CD   sing N N 12  
DGL CG  HG2  sing N N 13  
DGL CG  HG3  sing N N 14  
DGL CD  OE1  doub N N 15  
DGL CD  OE2  sing N N 16  
DGL OE2 HE2  sing N N 17  
DGL OXT HXT  sing N N 18  
DLY N   CA   sing N N 19  
DLY N   H    sing N N 20  
DLY N   H2   sing N N 21  
DLY CA  C    sing N N 22  
DLY CA  CB   sing N N 23  
DLY CA  HA   sing N N 24  
DLY C   O    doub N N 25  
DLY C   OXT  sing N N 26  
DLY CB  CG   sing N N 27  
DLY CB  HB2  sing N N 28  
DLY CB  HB3  sing N N 29  
DLY CG  CD   sing N N 30  
DLY CG  HG2  sing N N 31  
DLY CG  HG3  sing N N 32  
DLY CD  CE   sing N N 33  
DLY CD  HD2  sing N N 34  
DLY CD  HD3  sing N N 35  
DLY CE  NZ   sing N N 36  
DLY CE  HE2  sing N N 37  
DLY CE  HE3  sing N N 38  
DLY NZ  HZ1  sing N N 39  
DLY NZ  HZ2  sing N N 40  
DLY OXT HXT  sing N N 41  
DPR N   CA   sing N N 42  
DPR N   CD   sing N N 43  
DPR N   H    sing N N 44  
DPR CA  CB   sing N N 45  
DPR CA  C    sing N N 46  
DPR CA  HA   sing N N 47  
DPR CB  CG   sing N N 48  
DPR CB  HB2  sing N N 49  
DPR CB  HB3  sing N N 50  
DPR CG  CD   sing N N 51  
DPR CG  HG2  sing N N 52  
DPR CG  HG3  sing N N 53  
DPR CD  HD2  sing N N 54  
DPR CD  HD3  sing N N 55  
DPR C   O    doub N N 56  
DPR C   OXT  sing N N 57  
DPR OXT HXT  sing N N 58  
DVA N   CA   sing N N 59  
DVA N   H    sing N N 60  
DVA N   H2   sing N N 61  
DVA CA  CB   sing N N 62  
DVA CA  C    sing N N 63  
DVA CA  HA   sing N N 64  
DVA CB  CG1  sing N N 65  
DVA CB  CG2  sing N N 66  
DVA CB  HB   sing N N 67  
DVA CG1 HG11 sing N N 68  
DVA CG1 HG12 sing N N 69  
DVA CG1 HG13 sing N N 70  
DVA CG2 HG21 sing N N 71  
DVA CG2 HG22 sing N N 72  
DVA CG2 HG23 sing N N 73  
DVA C   O    doub N N 74  
DVA C   OXT  sing N N 75  
DVA OXT HXT  sing N N 76  
GLU N   CA   sing N N 77  
GLU N   H    sing N N 78  
GLU N   H2   sing N N 79  
GLU CA  C    sing N N 80  
GLU CA  CB   sing N N 81  
GLU CA  HA   sing N N 82  
GLU C   O    doub N N 83  
GLU C   OXT  sing N N 84  
GLU CB  CG   sing N N 85  
GLU CB  HB2  sing N N 86  
GLU CB  HB3  sing N N 87  
GLU CG  CD   sing N N 88  
GLU CG  HG2  sing N N 89  
GLU CG  HG3  sing N N 90  
GLU CD  OE1  doub N N 91  
GLU CD  OE2  sing N N 92  
GLU OE2 HE2  sing N N 93  
GLU OXT HXT  sing N N 94  
HOH O   H1   sing N N 95  
HOH O   H2   sing N N 96  
LYS N   CA   sing N N 97  
LYS N   H    sing N N 98  
LYS N   H2   sing N N 99  
LYS CA  C    sing N N 100 
LYS CA  CB   sing N N 101 
LYS CA  HA   sing N N 102 
LYS C   O    doub N N 103 
LYS C   OXT  sing N N 104 
LYS CB  CG   sing N N 105 
LYS CB  HB2  sing N N 106 
LYS CB  HB3  sing N N 107 
LYS CG  CD   sing N N 108 
LYS CG  HG2  sing N N 109 
LYS CG  HG3  sing N N 110 
LYS CD  CE   sing N N 111 
LYS CD  HD2  sing N N 112 
LYS CD  HD3  sing N N 113 
LYS CE  NZ   sing N N 114 
LYS CE  HE2  sing N N 115 
LYS CE  HE3  sing N N 116 
LYS NZ  HZ1  sing N N 117 
LYS NZ  HZ2  sing N N 118 
LYS NZ  HZ3  sing N N 119 
LYS OXT HXT  sing N N 120 
PRO N   CA   sing N N 121 
PRO N   CD   sing N N 122 
PRO N   H    sing N N 123 
PRO CA  C    sing N N 124 
PRO CA  CB   sing N N 125 
PRO CA  HA   sing N N 126 
PRO C   O    doub N N 127 
PRO C   OXT  sing N N 128 
PRO CB  CG   sing N N 129 
PRO CB  HB2  sing N N 130 
PRO CB  HB3  sing N N 131 
PRO CG  CD   sing N N 132 
PRO CG  HG2  sing N N 133 
PRO CG  HG3  sing N N 134 
PRO CD  HD2  sing N N 135 
PRO CD  HD3  sing N N 136 
PRO OXT HXT  sing N N 137 
VAL N   CA   sing N N 138 
VAL N   H    sing N N 139 
VAL N   H2   sing N N 140 
VAL CA  C    sing N N 141 
VAL CA  CB   sing N N 142 
VAL CA  HA   sing N N 143 
VAL C   O    doub N N 144 
VAL C   OXT  sing N N 145 
VAL CB  CG1  sing N N 146 
VAL CB  CG2  sing N N 147 
VAL CB  HB   sing N N 148 
VAL CG1 HG11 sing N N 149 
VAL CG1 HG12 sing N N 150 
VAL CG1 HG13 sing N N 151 
VAL CG2 HG21 sing N N 152 
VAL CG2 HG22 sing N N 153 
VAL CG2 HG23 sing N N 154 
VAL OXT HXT  sing N N 155 
# 
loop_
_pdbx_audit_support.funding_organization 
_pdbx_audit_support.country 
_pdbx_audit_support.grant_number 
_pdbx_audit_support.ordinal 
'Department of Energy (DOE, United States)' 'United States' DE-FC02-02ER63421 1 
'Department of Energy (DOE, United States)' 'United States' DE-AC02-06CH11357 2 
# 
_atom_sites.entry_id                    6UF4 
_atom_sites.Cartn_transf_matrix[1][1]   ? 
_atom_sites.Cartn_transf_matrix[1][2]   ? 
_atom_sites.Cartn_transf_matrix[1][3]   ? 
_atom_sites.Cartn_transf_matrix[2][1]   ? 
_atom_sites.Cartn_transf_matrix[2][2]   ? 
_atom_sites.Cartn_transf_matrix[2][3]   ? 
_atom_sites.Cartn_transf_matrix[3][1]   ? 
_atom_sites.Cartn_transf_matrix[3][2]   ? 
_atom_sites.Cartn_transf_matrix[3][3]   ? 
_atom_sites.Cartn_transf_vector[1]      ? 
_atom_sites.Cartn_transf_vector[2]      ? 
_atom_sites.Cartn_transf_vector[3]      ? 
_atom_sites.fract_transf_matrix[1][1]   -0.04358199 
_atom_sites.fract_transf_matrix[1][2]   0.02378381 
_atom_sites.fract_transf_matrix[1][3]   0.05439703 
_atom_sites.fract_transf_matrix[2][1]   0.00436260 
_atom_sites.fract_transf_matrix[2][2]   0.05805110 
_atom_sites.fract_transf_matrix[2][3]   -0.02239231 
_atom_sites.fract_transf_matrix[3][1]   -0.05807100 
_atom_sites.fract_transf_matrix[3][2]   0.00827095 
_atom_sites.fract_transf_matrix[3][3]   -0.02627242 
_atom_sites.fract_transf_vector[1]      0.546644 
_atom_sites.fract_transf_vector[2]      0.227769 
_atom_sites.fract_transf_vector[3]      0.019638 
_atom_sites.solution_primary            ? 
_atom_sites.solution_secondary          ? 
_atom_sites.solution_hydrogens          ? 
_atom_sites.special_details             ? 
# 
loop_
_atom_type.symbol 
C 
H 
N 
O 
# 
loop_
_atom_site.group_PDB 
_atom_site.id 
_atom_site.type_symbol 
_atom_site.label_atom_id 
_atom_site.label_alt_id 
_atom_site.label_comp_id 
_atom_site.label_asym_id 
_atom_site.label_entity_id 
_atom_site.label_seq_id 
_atom_site.pdbx_PDB_ins_code 
_atom_site.Cartn_x 
_atom_site.Cartn_y 
_atom_site.Cartn_z 
_atom_site.occupancy 
_atom_site.B_iso_or_equiv 
_atom_site.pdbx_formal_charge 
_atom_site.auth_seq_id 
_atom_site.auth_comp_id 
_atom_site.auth_asym_id 
_atom_site.auth_atom_id 
_atom_site.pdbx_PDB_model_num 
ATOM   1   N N    . GLU A 1 1 ? -1.702 -5.167  -7.727  1.00 0.41 ? 1   GLU A N    1 
ATOM   2   C CA   . GLU A 1 1 ? -2.260 -3.995  -7.025  1.00 0.46 ? 1   GLU A CA   1 
ATOM   3   C C    . GLU A 1 1 ? -2.362 -4.308  -5.538  1.00 0.54 ? 1   GLU A C    1 
ATOM   4   O O    . GLU A 1 1 ? -3.051 -5.249  -5.147  1.00 1.10 ? 1   GLU A O    1 
ATOM   5   C CB   . GLU A 1 1 ? -3.654 -3.673  -7.555  1.00 0.62 ? 1   GLU A CB   1 
ATOM   6   C CG   . GLU A 1 1 ? -3.717 -3.426  -9.052  1.00 0.91 ? 1   GLU A CG   1 
ATOM   7   C CD   . GLU A 1 1 ? -3.238 -2.075  -9.558  1.00 1.12 ? 1   GLU A CD   1 
ATOM   8   O OE1  . GLU A 1 1 ? -2.668 -1.287  -8.764  1.00 1.35 ? 1   GLU A OE1  1 
ATOM   9   O OE2  . GLU A 1 1 ? -3.427 -1.820  -10.767 1.00 1.68 ? 1   GLU A OE2  1 
ATOM   10  H H1   . GLU A 1 1 ? -2.396 -5.736  -7.927  1.00 0.50 ? 1   GLU A H1   1 
ATOM   11  H HA   . GLU A 1 1 ? -1.671 -3.221  -7.166  1.00 0.56 ? 1   GLU A HA   1 
ATOM   12  H HB2  . GLU A 1 1 ? -4.250 -4.419  -7.336  1.00 0.75 ? 1   GLU A HB2  1 
ATOM   13  H HB3  . GLU A 1 1 ? -3.987 -2.878  -7.090  1.00 0.75 ? 1   GLU A HB3  1 
ATOM   14  H HG2  . GLU A 1 1 ? -3.189 -4.119  -9.502  1.00 1.10 ? 1   GLU A HG2  1 
ATOM   15  H HG3  . GLU A 1 1 ? -4.647 -3.541  -9.342  1.00 1.10 ? 1   GLU A HG3  1 
HETATM 16  N N    . DPR A 1 2 ? -1.725 -3.514  -4.653  1.00 0.63 ? 2   DPR A N    1 
HETATM 17  C CA   . DPR A 1 2 ? -1.925 -3.687  -3.223  1.00 1.04 ? 2   DPR A CA   1 
HETATM 18  C CB   . DPR A 1 2 ? -1.197 -2.514  -2.556  1.00 2.66 ? 2   DPR A CB   1 
HETATM 19  C CG   . DPR A 1 2 ? -0.669 -1.654  -3.668  1.00 3.35 ? 2   DPR A CG   1 
HETATM 20  C CD   . DPR A 1 2 ? -0.793 -2.423  -4.961  1.00 1.65 ? 2   DPR A CD   1 
HETATM 21  C C    . DPR A 1 2 ? -1.328 -4.988  -2.710  1.00 0.36 ? 2   DPR A C    1 
HETATM 22  O O    . DPR A 1 2 ? -0.418 -5.560  -3.320  1.00 0.64 ? 2   DPR A O    1 
HETATM 23  H HA   . DPR A 1 2 ? -2.891 -3.641  -3.015  1.00 1.26 ? 2   DPR A HA   1 
HETATM 24  H HB2  . DPR A 1 2 ? -1.813 -2.003  -1.994  1.00 3.20 ? 2   DPR A HB2  1 
HETATM 25  H HB3  . DPR A 1 2 ? -0.460 -2.837  -1.994  1.00 3.20 ? 2   DPR A HB3  1 
HETATM 26  H HG2  . DPR A 1 2 ? 0.269  -1.427  -3.501  1.00 4.02 ? 2   DPR A HG2  1 
HETATM 27  H HG3  . DPR A 1 2 ? -1.180 -0.821  -3.722  1.00 4.02 ? 2   DPR A HG3  1 
HETATM 28  H HD2  . DPR A 1 2 ? 0.072  -2.776  -5.241  1.00 1.99 ? 2   DPR A HD2  1 
HETATM 29  H HD3  . DPR A 1 2 ? -1.144 -1.853  -5.668  1.00 1.99 ? 2   DPR A HD3  1 
HETATM 30  N N    . DPR A 1 3 ? -1.789 -5.436  -1.524  1.00 0.25 ? 3   DPR A N    1 
HETATM 31  C CA   . DPR A 1 3 ? -1.147 -6.547  -0.835  1.00 0.24 ? 3   DPR A CA   1 
HETATM 32  C CB   . DPR A 1 3 ? -2.111 -6.840  0.322   1.00 0.45 ? 3   DPR A CB   1 
HETATM 33  C CG   . DPR A 1 3 ? -2.708 -5.486  0.633   1.00 0.51 ? 3   DPR A CG   1 
HETATM 34  C CD   . DPR A 1 3 ? -2.866 -4.826  -0.722  1.00 0.42 ? 3   DPR A CD   1 
HETATM 35  C C    . DPR A 1 3 ? 0.236  -6.146  -0.332  1.00 0.17 ? 3   DPR A C    1 
HETATM 36  O O    . DPR A 1 3 ? 0.581  -4.968  -0.231  1.00 0.55 ? 3   DPR A O    1 
HETATM 37  H HA   . DPR A 1 3 ? -1.087 -7.330  -1.436  1.00 0.29 ? 3   DPR A HA   1 
HETATM 38  H HB2  . DPR A 1 3 ? -2.805 -7.475  0.050   1.00 0.54 ? 3   DPR A HB2  1 
HETATM 39  H HB3  . DPR A 1 3 ? -1.633 -7.201  1.099   1.00 0.54 ? 3   DPR A HB3  1 
HETATM 40  H HG2  . DPR A 1 3 ? -2.112 -4.966  1.209   1.00 0.62 ? 3   DPR A HG2  1 
HETATM 41  H HG3  . DPR A 1 3 ? -3.576 -5.581  1.077   1.00 0.62 ? 3   DPR A HG3  1 
HETATM 42  H HD2  . DPR A 1 3 ? -2.752 -3.860  -0.655  1.00 0.51 ? 3   DPR A HD2  1 
HETATM 43  H HD3  . DPR A 1 3 ? -3.740 -5.017  -1.107  1.00 0.51 ? 3   DPR A HD3  1 
ATOM   44  N N    . LYS A 1 4 ? 1.037  -7.164  -0.022  1.00 0.16 ? 4   LYS A N    1 
ATOM   45  C CA   . LYS A 1 4 ? 2.352  -6.944  0.560   1.00 0.26 ? 4   LYS A CA   1 
ATOM   46  C C    . LYS A 1 4 ? 3.296  -6.224  -0.403  1.00 0.30 ? 4   LYS A C    1 
ATOM   47  O O    . LYS A 1 4 ? 4.256  -5.588  0.047   1.00 0.93 ? 4   LYS A O    1 
ATOM   48  C CB   . LYS A 1 4 ? 2.981  -8.283  0.945   1.00 0.58 ? 4   LYS A CB   1 
ATOM   49  C CG   . LYS A 1 4 ? 3.428  -9.136  -0.235  1.00 0.89 ? 4   LYS A CG   1 
ATOM   50  C CD   . LYS A 1 4 ? 3.708  -10.572 0.128   1.00 0.97 ? 4   LYS A CD   1 
ATOM   51  C CE   . LYS A 1 4 ? 4.769  -10.711 1.197   1.00 0.95 ? 4   LYS A CE   1 
ATOM   52  N NZ   . LYS A 1 4 ? 5.096  -12.134 1.430   1.00 0.82 ? 4   LYS A NZ   1 
ATOM   53  H H    . LYS A 1 4 ? 0.728  -8.111  -0.190  1.00 0.20 ? 4   LYS A H    1 
ATOM   54  H HA   . LYS A 1 4 ? 2.247  -6.396  1.368   1.00 0.32 ? 4   LYS A HA   1 
ATOM   55  H HB2  . LYS A 1 4 ? 3.758  -8.107  1.517   1.00 0.70 ? 4   LYS A HB2  1 
ATOM   56  H HB3  . LYS A 1 4 ? 2.330  -8.793  1.472   1.00 0.70 ? 4   LYS A HB3  1 
ATOM   57  H HG2  . LYS A 1 4 ? 2.729  -9.113  -0.924  1.00 1.08 ? 4   LYS A HG2  1 
ATOM   58  H HG3  . LYS A 1 4 ? 4.240  -8.743  -0.620  1.00 1.08 ? 4   LYS A HG3  1 
ATOM   59  H HD2  . LYS A 1 4 ? 2.880  -10.988 0.446   1.00 1.17 ? 4   LYS A HD2  1 
ATOM   60  H HD3  . LYS A 1 4 ? 4.002  -11.055 -0.674  1.00 1.17 ? 4   LYS A HD3  1 
ATOM   61  H HE2  . LYS A 1 4 ? 5.575  -10.235 0.927   1.00 1.14 ? 4   LYS A HE2  1 
ATOM   62  H HE3  . LYS A 1 4 ? 4.448  -10.318 2.030   1.00 1.14 ? 4   LYS A HE3  1 
ATOM   63  H HZ1  . LYS A 1 4 ? 4.359  -12.575 1.723   1.00 0.99 ? 4   LYS A HZ1  1 
ATOM   64  H HZ2  . LYS A 1 4 ? 5.749  -12.201 2.054   1.00 0.99 ? 4   LYS A HZ2  1 
ATOM   65  H HZ3  . LYS A 1 4 ? 5.382  -12.514 0.657   1.00 0.99 ? 4   LYS A HZ3  1 
HETATM 66  N N    . DVA A 1 5 ? 3.051  -6.391  -1.711  1.00 0.30 ? 5   DVA A N    1 
HETATM 67  C CA   . DVA A 1 5 ? 3.946  -5.952  -2.767  1.00 0.62 ? 5   DVA A CA   1 
HETATM 68  C CB   . DVA A 1 5 ? 3.280  -4.928  -3.701  1.00 0.96 ? 5   DVA A CB   1 
HETATM 69  C CG1  . DVA A 1 5 ? 2.823  -3.702  -2.928  1.00 1.22 ? 5   DVA A CG1  1 
HETATM 70  C CG2  . DVA A 1 5 ? 4.195  -4.531  -4.851  1.00 1.28 ? 5   DVA A CG2  1 
HETATM 71  C C    . DVA A 1 5 ? 4.399  -7.194  -3.537  1.00 0.64 ? 5   DVA A C    1 
HETATM 72  O O    . DVA A 1 5 ? 3.554  -7.963  -4.025  1.00 0.96 ? 5   DVA A O    1 
HETATM 73  H H    . DVA A 1 5 ? 2.203  -6.863  -1.985  1.00 0.37 ? 5   DVA A H    1 
HETATM 74  H HA   . DVA A 1 5 ? 4.726  -5.536  -2.359  1.00 0.75 ? 5   DVA A HA   1 
HETATM 75  H HB   . DVA A 1 5 ? 2.477  -5.357  -4.088  1.00 1.16 ? 5   DVA A HB   1 
HETATM 76  H HG11 A DVA A 1 5 ? 2.036  -3.324  -3.356  0.50 1.48 ? 5   DVA A HG11 1 
HETATM 77  H HG11 B DVA A 1 5 ? 2.511  -3.023  -3.550  0.50 1.48 ? 5   DVA A HG11 1 
HETATM 78  H HG12 A DVA A 1 5 ? 2.602  -3.953  -2.014  0.50 1.48 ? 5   DVA A HG12 1 
HETATM 79  H HG12 B DVA A 1 5 ? 2.098  -3.948  -2.327  0.50 1.48 ? 5   DVA A HG12 1 
HETATM 80  H HG13 A DVA A 1 5 ? 3.536  -3.040  -2.917  0.50 1.48 ? 5   DVA A HG13 1 
HETATM 81  H HG13 B DVA A 1 5 ? 3.567  -3.349  -2.410  0.50 1.48 ? 5   DVA A HG13 1 
HETATM 82  H HG21 A DVA A 1 5 ? 5.101  -4.404  -4.518  0.50 1.54 ? 5   DVA A HG21 1 
HETATM 83  H HG21 B DVA A 1 5 ? 4.874  -3.914  -4.527  0.50 1.54 ? 5   DVA A HG21 1 
HETATM 84  H HG22 A DVA A 1 5 ? 4.194  -5.232  -5.526  0.50 1.54 ? 5   DVA A HG22 1 
HETATM 85  H HG22 B DVA A 1 5 ? 4.626  -5.321  -5.218  0.50 1.54 ? 5   DVA A HG22 1 
HETATM 86  H HG23 A DVA A 1 5 ? 3.878  -3.701  -5.248  0.50 1.54 ? 5   DVA A HG23 1 
HETATM 87  H HG23 B DVA A 1 5 ? 3.671  -4.097  -5.547  0.50 1.54 ? 5   DVA A HG23 1 
ATOM   88  N N    . GLU B 1 1 ? -1.429 5.560   -3.252  1.00 0.22 ? 1   GLU B N    1 
ATOM   89  C CA   . GLU B 1 1 ? -1.785 6.770   -2.498  1.00 0.29 ? 1   GLU B CA   1 
ATOM   90  C C    . GLU B 1 1 ? -2.468 6.363   -1.204  1.00 0.26 ? 1   GLU B C    1 
ATOM   91  O O    . GLU B 1 1 ? -3.315 5.471   -1.202  1.00 0.54 ? 1   GLU B O    1 
ATOM   92  C CB   . GLU B 1 1 ? -2.715 7.644   -3.329  1.00 0.48 ? 1   GLU B CB   1 
ATOM   93  C CG   . GLU B 1 1 ? -2.071 8.096   -4.621  1.00 1.05 ? 1   GLU B CG   1 
ATOM   94  C CD   . GLU B 1 1 ? -2.918 9.052   -5.433  1.00 1.40 ? 1   GLU B CD   1 
ATOM   95  O OE1  . GLU B 1 1 ? -3.113 10.199  -4.977  1.00 1.78 ? 1   GLU B OE1  1 
ATOM   96  O OE2  . GLU B 1 1 ? -3.389 8.643   -6.517  1.00 2.51 ? 1   GLU B OE2  1 
ATOM   97  H H1   . GLU B 1 1 ? -2.209 5.177   -3.550  1.00 0.27 ? 1   GLU B H1   1 
ATOM   98  H HA   . GLU B 1 1 ? -0.967 7.275   -2.294  1.00 0.35 ? 1   GLU B HA   1 
ATOM   99  H HB2  . GLU B 1 1 ? -3.529 7.139   -3.533  1.00 0.58 ? 1   GLU B HB2  1 
ATOM   100 H HB3  . GLU B 1 1 ? -2.968 8.430   -2.802  1.00 0.58 ? 1   GLU B HB3  1 
ATOM   101 H HG2  . GLU B 1 1 ? -1.218 8.535   -4.416  1.00 1.26 ? 1   GLU B HG2  1 
ATOM   102 H HG3  . GLU B 1 1 ? -1.874 7.309   -5.173  1.00 1.26 ? 1   GLU B HG3  1 
HETATM 103 N N    . DPR B 1 2 ? -2.134 7.038   -0.083  1.00 0.23 ? 2   DPR B N    1 
HETATM 104 C CA   . DPR B 1 2 ? -2.774 6.765   1.197   1.00 0.36 ? 2   DPR B CA   1 
HETATM 105 C CB   . DPR B 1 2 ? -2.519 8.065   1.968   1.00 0.81 ? 2   DPR B CB   1 
HETATM 106 C CG   . DPR B 1 2 ? -1.146 8.475   1.489   1.00 1.02 ? 2   DPR B CG   1 
HETATM 107 C CD   . DPR B 1 2 ? -1.130 8.112   0.015   1.00 0.76 ? 2   DPR B CD   1 
HETATM 108 C C    . DPR B 1 2 ? -2.143 5.543   1.854   1.00 0.14 ? 2   DPR B C    1 
HETATM 109 O O    . DPR B 1 2 ? -1.238 4.913   1.294   1.00 0.25 ? 2   DPR B O    1 
HETATM 110 H HA   . DPR B 1 2 ? -3.746 6.633   1.067   1.00 0.44 ? 2   DPR B HA   1 
HETATM 111 H HB2  . DPR B 1 2 ? -3.188 8.747   1.745   1.00 0.98 ? 2   DPR B HB2  1 
HETATM 112 H HB3  . DPR B 1 2 ? -2.522 7.915   2.933   1.00 0.98 ? 2   DPR B HB3  1 
HETATM 113 H HG2  . DPR B 1 2 ? -0.450 7.988   1.975   1.00 1.23 ? 2   DPR B HG2  1 
HETATM 114 H HG3  . DPR B 1 2 ? -1.007 9.435   1.612   1.00 1.23 ? 2   DPR B HG3  1 
HETATM 115 H HD2  . DPR B 1 2 ? -0.249 7.795   -0.256  1.00 0.92 ? 2   DPR B HD2  1 
HETATM 116 H HD3  . DPR B 1 2 ? -1.377 8.875   -0.538  1.00 0.92 ? 2   DPR B HD3  1 
HETATM 117 N N    . DPR B 1 3 ? -2.622 5.159   3.057   1.00 0.17 ? 3   DPR B N    1 
HETATM 118 C CA   . DPR B 1 3 ? -2.106 3.972   3.732   1.00 0.19 ? 3   DPR B CA   1 
HETATM 119 C CB   . DPR B 1 3 ? -2.995 3.856   4.983   1.00 0.36 ? 3   DPR B CB   1 
HETATM 120 C CG   . DPR B 1 3 ? -4.262 4.587   4.602   1.00 0.40 ? 3   DPR B CG   1 
HETATM 121 C CD   . DPR B 1 3 ? -3.754 5.757   3.787   1.00 0.36 ? 3   DPR B CD   1 
HETATM 122 C C    . DPR B 1 3 ? -0.630 4.071   4.111   1.00 0.05 ? 3   DPR B C    1 
HETATM 123 O O    . DPR B 1 3 ? -0.068 5.153   4.272   1.00 0.31 ? 3   DPR B O    1 
HETATM 124 H HA   . DPR B 1 3 ? -2.253 3.181   3.153   1.00 0.23 ? 3   DPR B HA   1 
HETATM 125 H HB2  . DPR B 1 3 ? -3.184 2.918   5.195   1.00 0.44 ? 3   DPR B HB2  1 
HETATM 126 H HB3  . DPR B 1 3 ? -2.569 4.278   5.759   1.00 0.44 ? 3   DPR B HB3  1 
HETATM 127 H HG2  . DPR B 1 3 ? -4.745 4.894   5.396   1.00 0.48 ? 3   DPR B HG2  1 
HETATM 128 H HG3  . DPR B 1 3 ? -4.853 4.016   4.068   1.00 0.48 ? 3   DPR B HG3  1 
HETATM 129 H HD2  . DPR B 1 3 ? -3.459 6.485   4.363   1.00 0.44 ? 3   DPR B HD2  1 
HETATM 130 H HD3  . DPR B 1 3 ? -4.436 6.088   3.176   1.00 0.44 ? 3   DPR B HD3  1 
ATOM   131 N N    . LYS B 1 4 ? -0.017 2.893   4.257   1.00 0.09 ? 4   LYS B N    1 
ATOM   132 C CA   A LYS B 1 4 ? 1.369  2.755   4.679   0.50 0.16 ? 4   LYS B CA   1 
ATOM   133 C CA   B LYS B 1 4 ? 1.369  2.757   4.681   0.50 0.08 ? 4   LYS B CA   1 
ATOM   134 C C    . LYS B 1 4 ? 2.305  3.608   3.824   1.00 0.14 ? 4   LYS B C    1 
ATOM   135 O O    . LYS B 1 4 ? 3.251  4.214   4.342   1.00 0.36 ? 4   LYS B O    1 
ATOM   136 C CB   A LYS B 1 4 ? 1.764  1.282   4.551   0.50 0.48 ? 4   LYS B CB   1 
ATOM   137 C CB   B LYS B 1 4 ? 1.783  1.288   4.558   0.50 0.16 ? 4   LYS B CB   1 
ATOM   138 C CG   A LYS B 1 4 ? 3.197  0.934   4.930   0.50 0.76 ? 4   LYS B CG   1 
ATOM   139 C CG   B LYS B 1 4 ? 3.184  0.946   5.050   0.50 0.21 ? 4   LYS B CG   1 
ATOM   140 C CD   A LYS B 1 4 ? 3.436  0.819   6.418   0.50 1.24 ? 4   LYS B CD   1 
ATOM   141 C CD   B LYS B 1 4 ? 3.327  0.959   6.555   0.50 0.37 ? 4   LYS B CD   1 
ATOM   142 C CE   A LYS B 1 4 ? 4.743  0.119   6.718   0.50 1.76 ? 4   LYS B CE   1 
ATOM   143 C CE   B LYS B 1 4 ? 4.630  0.346   7.026   0.50 0.50 ? 4   LYS B CE   1 
ATOM   144 N NZ   A LYS B 1 4 ? 4.891  -0.210  8.156   0.50 2.21 ? 4   LYS B NZ   1 
ATOM   145 N NZ   B LYS B 1 4 ? 4.842  -1.011  6.459   0.50 0.68 ? 4   LYS B NZ   1 
ATOM   146 H H    . LYS B 1 4 ? -0.547 2.054   4.065   1.00 0.12 ? 4   LYS B H    1 
ATOM   147 H HA   A LYS B 1 4 ? 1.445  3.033   5.621   0.50 0.20 ? 4   LYS B HA   1 
ATOM   148 H HA   B LYS B 1 4 ? 1.444  3.040   5.621   0.50 0.11 ? 4   LYS B HA   1 
ATOM   149 H HB2  A LYS B 1 4 ? 1.159  0.752   5.112   0.50 0.59 ? 4   LYS B HB2  1 
ATOM   150 H HB2  B LYS B 1 4 ? 1.140  0.745   5.058   0.50 0.20 ? 4   LYS B HB2  1 
ATOM   151 H HB3  A LYS B 1 4 ? 1.620  1.007   3.622   0.50 0.59 ? 4   LYS B HB3  1 
ATOM   152 H HB3  B LYS B 1 4 ? 1.718  1.031   3.615   0.50 0.20 ? 4   LYS B HB3  1 
ATOM   153 H HG2  A LYS B 1 4 ? 3.432  0.080   4.508   0.50 0.92 ? 4   LYS B HG2  1 
ATOM   154 H HG2  B LYS B 1 4 ? 3.422  0.055   4.717   0.50 0.26 ? 4   LYS B HG2  1 
ATOM   155 H HG3  A LYS B 1 4 ? 3.796  1.618   4.566   0.50 0.92 ? 4   LYS B HG3  1 
ATOM   156 H HG3  B LYS B 1 4 ? 3.820  1.586   4.665   0.50 0.26 ? 4   LYS B HG3  1 
ATOM   157 H HD2  A LYS B 1 4 ? 3.453  1.717   6.813   0.50 1.49 ? 4   LYS B HD2  1 
ATOM   158 H HD2  B LYS B 1 4 ? 3.278  1.886   6.873   0.50 0.45 ? 4   LYS B HD2  1 
ATOM   159 H HD3  A LYS B 1 4 ? 2.699  0.317   6.827   0.50 1.49 ? 4   LYS B HD3  1 
ATOM   160 H HD3  B LYS B 1 4 ? 2.580  0.463   6.953   0.50 0.45 ? 4   LYS B HD3  1 
ATOM   161 H HE2  A LYS B 1 4 ? 4.796  -0.707  6.199   0.50 2.11 ? 4   LYS B HE2  1 
ATOM   162 H HE2  B LYS B 1 4 ? 5.373  0.920   6.762   0.50 0.60 ? 4   LYS B HE2  1 
ATOM   163 H HE3  A LYS B 1 4 ? 5.487  0.690   6.450   0.50 2.11 ? 4   LYS B HE3  1 
ATOM   164 H HE3  B LYS B 1 4 ? 4.627  0.285   8.001   0.50 0.60 ? 4   LYS B HE3  1 
ATOM   165 H HZ1  A LYS B 1 4 ? 4.914  0.553   8.644   0.50 2.66 ? 4   LYS B HZ1  1 
ATOM   166 H HZ1  B LYS B 1 4 ? 4.125  -1.534  6.636   0.50 0.82 ? 4   LYS B HZ1  1 
ATOM   167 H HZ2  A LYS B 1 4 ? 5.659  -0.672  8.287   0.50 2.66 ? 4   LYS B HZ2  1 
ATOM   168 H HZ2  B LYS B 1 4 ? 5.583  -1.381  6.826   0.50 0.82 ? 4   LYS B HZ2  1 
ATOM   169 H HZ3  A LYS B 1 4 ? 4.188  -0.717  8.429   0.50 2.66 ? 4   LYS B HZ3  1 
ATOM   170 H HZ3  B LYS B 1 4 ? 4.956  -0.952  5.561   0.50 0.82 ? 4   LYS B HZ3  1 
HETATM 171 N N    . DVA B 1 5 ? 2.058  3.585   2.509   1.00 0.13 ? 5   DVA B N    1 
HETATM 172 C CA   . DVA B 1 5 ? 2.962  4.107   1.500   1.00 0.28 ? 5   DVA B CA   1 
HETATM 173 C CB   . DVA B 1 5 ? 2.410  5.341   0.770   1.00 0.69 ? 5   DVA B CB   1 
HETATM 174 C CG1  . DVA B 1 5 ? 2.085  6.453   1.753   1.00 1.04 ? 5   DVA B CG1  1 
HETATM 175 C CG2  . DVA B 1 5 ? 3.383  5.830   -0.295  1.00 1.09 ? 5   DVA B CG2  1 
HETATM 176 C C    . DVA B 1 5 ? 3.234  2.962   0.521   1.00 0.29 ? 5   DVA B C    1 
HETATM 177 O O    . DVA B 1 5 ? 2.288  2.455   -0.106  1.00 0.44 ? 5   DVA B O    1 
HETATM 178 H H    . DVA B 1 5 ? 1.193  3.173   2.193   1.00 0.16 ? 5   DVA B H    1 
HETATM 179 H HA   . DVA B 1 5 ? 3.800  4.353   1.932   1.00 0.35 ? 5   DVA B HA   1 
HETATM 180 H HB   . DVA B 1 5 ? 1.570  5.075   0.320   1.00 0.84 ? 5   DVA B HB   1 
HETATM 181 H HG11 A DVA B 1 5 ? 1.984  7.293   1.273   0.50 1.25 ? 5   DVA B HG11 1 
HETATM 182 H HG11 B DVA B 1 5 ? 1.475  7.086   1.336   0.50 1.25 ? 5   DVA B HG11 1 
HETATM 183 H HG12 A DVA B 1 5 ? 1.255  6.244   2.217   0.50 1.25 ? 5   DVA B HG12 1 
HETATM 184 H HG12 B DVA B 1 5 ? 1.667  6.079   2.547   0.50 1.25 ? 5   DVA B HG12 1 
HETATM 185 H HG13 A DVA B 1 5 ? 2.806  6.535   2.401   0.50 1.25 ? 5   DVA B HG13 1 
HETATM 186 H HG13 B DVA B 1 5 ? 2.904  6.913   2.005   0.50 1.25 ? 5   DVA B HG13 1 
HETATM 187 H HG21 A DVA B 1 5 ? 4.275  5.903   0.088   0.50 1.32 ? 5   DVA B HG21 1 
HETATM 188 H HG21 B DVA B 1 5 ? 4.046  6.412   0.115   0.50 1.32 ? 5   DVA B HG21 1 
HETATM 189 H HG22 A DVA B 1 5 ? 3.399  5.200   -1.036  0.50 1.32 ? 5   DVA B HG22 1 
HETATM 190 H HG22 B DVA B 1 5 ? 3.830  5.072   -0.707  0.50 1.32 ? 5   DVA B HG22 1 
HETATM 191 H HG23 A DVA B 1 5 ? 3.098  6.703   -0.618  0.50 1.32 ? 5   DVA B HG23 1 
HETATM 192 H HG23 B DVA B 1 5 ? 2.895  6.326   -0.974  0.50 1.32 ? 5   DVA B HG23 1 
HETATM 193 O O    . HOH C 2 . ? -4.402 -3.791  -12.322 1.00 3.83 ? 101 HOH A O    1 
HETATM 194 O O    . HOH C 2 . ? -3.189 -0.430  -6.214  1.00 2.42 ? 102 HOH A O    1 
HETATM 195 H H1   . HOH C 2 . ? -2.705 -0.891  -7.028  1.00 2.91 ? 102 HOH A H1   1 
HETATM 196 H H2   . HOH C 2 . ? -2.754 0.408   -5.777  1.00 2.91 ? 102 HOH A H2   1 
HETATM 197 O O    . HOH C 2 . ? 4.421  -5.681  2.874   1.00 4.12 ? 103 HOH A O    1 
HETATM 198 H H1   . HOH C 2 . ? 4.150  -4.824  3.396   1.00 4.95 ? 103 HOH A H1   1 
HETATM 199 H H2   . HOH C 2 . ? 4.861  -5.594  1.933   1.00 4.95 ? 103 HOH A H2   1 
HETATM 200 O O    . HOH C 2 . ? -3.519 -7.011  -8.940  1.00 3.09 ? 104 HOH A O    1 
HETATM 201 O O    . HOH C 2 . ? 7.566  -12.047 2.881   1.00 1.14 ? 105 HOH A O    1 
HETATM 202 H H1   . HOH C 2 . ? 7.465  -11.073 3.233   1.00 1.38 ? 105 HOH A H1   1 
HETATM 203 H H2   . HOH C 2 . ? 7.889  -12.799 3.521   1.00 1.38 ? 105 HOH A H2   1 
HETATM 204 O O    . HOH C 2 . ? -0.474 -9.750  -0.112  1.00 0.51 ? 106 HOH A O    1 
HETATM 205 H H1   . HOH C 2 . ? -1.252 -9.517  0.536   1.00 0.62 ? 106 HOH A H1   1 
HETATM 206 H H2   . HOH C 2 . ? 0.083  -10.616 0.037   1.00 0.62 ? 106 HOH A H2   1 
HETATM 207 O O    . HOH C 2 . ? 4.967  -10.646 4.592   1.00 2.33 ? 107 HOH A O    1 
HETATM 208 H H1   . HOH C 2 . ? 5.679  -10.820 5.329   1.00 2.80 ? 107 HOH A H1   1 
HETATM 209 H H2   . HOH C 2 . ? 4.893  -9.707  4.151   1.00 2.80 ? 107 HOH A H2   1 
HETATM 210 O O    A HOH C 2 . ? 6.719  -2.851  -2.566  0.75 1.78 ? 108 HOH A O    1 
HETATM 211 O O    B HOH C 2 . ? 7.767  -3.119  -1.508  0.25 1.99 ? 108 HOH A O    1 
HETATM 212 O O    . HOH C 2 . ? -6.057 -4.524  1.159   1.00 1.60 ? 109 HOH A O    1 
HETATM 213 H H1   . HOH C 2 . ? -6.404 -4.637  0.189   1.00 1.93 ? 109 HOH A H1   1 
HETATM 214 H H2   . HOH C 2 . ? -5.798 -3.578  1.508   1.00 1.93 ? 109 HOH A H2   1 
HETATM 215 O O    . HOH D 2 . ? -4.358 6.046   -6.603  1.00 2.17 ? 101 HOH B O    1 
HETATM 216 H H1   . HOH D 2 . ? -3.798 6.877   -6.882  1.00 2.61 ? 101 HOH B H1   1 
HETATM 217 H H2   . HOH D 2 . ? -5.394 6.115   -6.550  1.00 2.61 ? 101 HOH B H2   1 
HETATM 218 O O    . HOH D 2 . ? 4.578  4.532   6.780   1.00 1.40 ? 102 HOH B O    1 
HETATM 219 H H1   . HOH D 2 . ? 3.958  4.569   5.946   1.00 1.69 ? 102 HOH B H1   1 
HETATM 220 H H2   . HOH D 2 . ? 5.415  3.915   6.780   1.00 1.69 ? 102 HOH B H2   1 
HETATM 221 O O    . HOH D 2 . ? 5.472  1.606   10.241  1.00 6.50 ? 103 HOH B O    1 
HETATM 222 O O    . HOH D 2 . ? 5.561  5.804   3.711   1.00 1.50 ? 104 HOH B O    1 
HETATM 223 H H1   . HOH D 2 . ? 4.550  5.730   3.943   1.00 1.81 ? 104 HOH B H1   1 
HETATM 224 H H2   . HOH D 2 . ? 5.939  5.313   2.876   1.00 1.81 ? 104 HOH B H2   1 
HETATM 225 O O    . HOH D 2 . ? -3.450 4.204   -4.789  1.00 1.40 ? 105 HOH B O    1 
HETATM 226 H H1   . HOH D 2 . ? -3.626 4.986   -5.452  1.00 1.68 ? 105 HOH B H1   1 
HETATM 227 H H2   . HOH D 2 . ? -4.170 3.952   -4.083  1.00 1.68 ? 105 HOH B H2   1 
HETATM 228 O O    . HOH D 2 . ? -1.731 0.509   4.075   1.00 0.43 ? 106 HOH B O    1 
HETATM 229 H H1   . HOH D 2 . ? -2.473 0.773   4.754   1.00 0.52 ? 106 HOH B H1   1 
HETATM 230 H H2   . HOH D 2 . ? -1.066 -0.255  4.309   1.00 0.52 ? 106 HOH B H2   1 
HETATM 231 O O    . HOH D 2 . ? 7.917  -1.327  5.886   1.00 3.50 ? 107 HOH B O    1 
HETATM 232 H H1   . HOH D 2 . ? 7.496  -0.903  5.035   1.00 4.21 ? 107 HOH B H1   1 
HETATM 233 H H2   . HOH D 2 . ? 8.633  -2.074  5.797   1.00 4.21 ? 107 HOH B H2   1 
HETATM 234 O O    . HOH D 2 . ? 6.988  3.153   6.303   1.00 2.24 ? 108 HOH B O    1 
HETATM 235 H H1   . HOH D 2 . ? 6.976  3.066   5.267   1.00 2.69 ? 108 HOH B H1   1 
HETATM 236 H H2   . HOH D 2 . ? 7.447  2.420   6.880   1.00 2.69 ? 108 HOH B H2   1 
# 
loop_
_atom_site_anisotrop.id 
_atom_site_anisotrop.type_symbol 
_atom_site_anisotrop.pdbx_label_atom_id 
_atom_site_anisotrop.pdbx_label_alt_id 
_atom_site_anisotrop.pdbx_label_comp_id 
_atom_site_anisotrop.pdbx_label_asym_id 
_atom_site_anisotrop.pdbx_label_seq_id 
_atom_site_anisotrop.pdbx_PDB_ins_code 
_atom_site_anisotrop.U[1][1] 
_atom_site_anisotrop.U[2][2] 
_atom_site_anisotrop.U[3][3] 
_atom_site_anisotrop.U[1][2] 
_atom_site_anisotrop.U[1][3] 
_atom_site_anisotrop.U[2][3] 
_atom_site_anisotrop.pdbx_auth_seq_id 
_atom_site_anisotrop.pdbx_auth_comp_id 
_atom_site_anisotrop.pdbx_auth_asym_id 
_atom_site_anisotrop.pdbx_auth_atom_id 
1   N N   . GLU A 1 ? 0.0032 0.0042 0.0084 -0.0012 0.0017  -0.0012 1   GLU A N   
2   C CA  . GLU A 1 ? 0.0046 0.0031 0.0096 0.0003  0.0019  -0.0013 1   GLU A CA  
3   C C   . GLU A 1 ? 0.0055 0.0040 0.0111 -0.0007 0.0019  0.0019  1   GLU A C   
4   O O   . GLU A 1 ? 0.0137 0.0137 0.0145 -0.0055 -0.0001 0.0063  1   GLU A O   
5   C CB  . GLU A 1 ? 0.0051 0.0078 0.0105 0.0004  0.0014  -0.0032 1   GLU A CB  
6   C CG  . GLU A 1 ? 0.0118 0.0116 0.0111 0.0006  -0.0038 -0.0036 1   GLU A CG  
7   C CD  . GLU A 1 ? 0.0190 0.0140 0.0094 0.0010  -0.0039 -0.0034 1   GLU A CD  
8   O OE1 . GLU A 1 ? 0.0258 0.0141 0.0112 -0.0039 -0.0041 -0.0013 1   GLU A OE1 
9   O OE2 . GLU A 1 ? 0.0341 0.0188 0.0110 -0.0011 -0.0069 -0.0008 1   GLU A OE2 
16  N N   . DPR A 2 ? 0.0108 0.0065 0.0067 0.0002  0.0027  0.0030  2   DPR A N   
17  C CA  . DPR A 2 ? 0.0221 0.0088 0.0087 0.0038  0.0059  0.0012  2   DPR A CA  
18  C CB  . DPR A 2 ? 0.0589 0.0207 0.0214 -0.0072 0.0002  -0.0036 2   DPR A CB  
19  C CG  . DPR A 2 ? 0.0588 0.0437 0.0247 -0.0277 0.0018  -0.0054 2   DPR A CG  
20  C CD  . DPR A 2 ? 0.0304 0.0205 0.0120 -0.0119 0.0020  0.0018  2   DPR A CD  
21  C C   . DPR A 2 ? 0.0047 0.0043 0.0048 0.0016  0.0016  -0.0013 2   DPR A C   
22  O O   . DPR A 2 ? 0.0073 0.0108 0.0063 0.0015  0.0027  0.0007  2   DPR A O   
30  N N   . DPR A 3 ? 0.0030 0.0035 0.0029 0.0015  0.0011  -0.0001 3   DPR A N   
31  C CA  . DPR A 3 ? 0.0030 0.0018 0.0042 0.0011  0.0003  -0.0004 3   DPR A CA  
32  C CB  . DPR A 3 ? 0.0026 0.0067 0.0077 -0.0011 -0.0007 0.0014  3   DPR A CB  
33  C CG  . DPR A 3 ? 0.0029 0.0092 0.0073 0.0000  0.0014  0.0012  3   DPR A CG  
34  C CD  . DPR A 3 ? 0.0038 0.0061 0.0062 0.0016  0.0020  -0.0008 3   DPR A CD  
35  C C   . DPR A 3 ? 0.0021 0.0013 0.0031 0.0003  0.0008  -0.0005 3   DPR A C   
36  O O   . DPR A 3 ? 0.0071 0.0037 0.0101 -0.0006 -0.0009 -0.0022 3   DPR A O   
44  N N   . LYS A 4 ? 0.0010 0.0011 0.0041 -0.0001 -0.0003 -0.0008 4   LYS A N   
45  C CA  . LYS A 4 ? 0.0018 0.0028 0.0053 0.0005  -0.0010 -0.0008 4   LYS A CA  
46  C C   . LYS A 4 ? 0.0017 0.0043 0.0055 -0.0007 0.0000  -0.0007 4   LYS A C   
47  O O   . LYS A 4 ? 0.0100 0.0153 0.0099 -0.0070 -0.0012 0.0009  4   LYS A O   
48  C CB  . LYS A 4 ? 0.0054 0.0070 0.0097 -0.0015 -0.0037 0.0016  4   LYS A CB  
49  C CG  . LYS A 4 ? 0.0109 0.0078 0.0152 0.0011  -0.0041 -0.0005 4   LYS A CG  
50  C CD  . LYS A 4 ? 0.0115 0.0079 0.0175 0.0012  -0.0016 -0.0006 4   LYS A CD  
51  C CE  . LYS A 4 ? 0.0120 0.0076 0.0164 0.0003  -0.0034 0.0010  4   LYS A CE  
52  N NZ  . LYS A 4 ? 0.0060 0.0104 0.0148 0.0001  -0.0017 0.0021  4   LYS A NZ  
66  N N   . DVA A 5 ? 0.0029 0.0043 0.0044 -0.0011 0.0018  -0.0004 5   DVA A N   
67  C CA  . DVA A 5 ? 0.0078 0.0067 0.0091 -0.0025 0.0034  -0.0015 5   DVA A CA  
68  C CB  . DVA A 5 ? 0.0152 0.0092 0.0122 -0.0002 0.0041  0.0003  5   DVA A CB  
69  C CG1 . DVA A 5 ? 0.0172 0.0102 0.0191 0.0023  0.0068  0.0009  5   DVA A CG1 
70  C CG2 . DVA A 5 ? 0.0208 0.0125 0.0152 0.0001  0.0043  0.0001  5   DVA A CG2 
71  C C   . DVA A 5 ? 0.0101 0.0074 0.0069 -0.0015 0.0017  -0.0009 5   DVA A C   
72  O O   . DVA A 5 ? 0.0069 0.0121 0.0174 -0.0013 0.0029  -0.0075 5   DVA A O   
88  N N   . GLU B 1 ? 0.0014 0.0027 0.0041 -0.0001 0.0002  -0.0019 1   GLU B N   
89  C CA  . GLU B 1 ? 0.0025 0.0032 0.0053 0.0007  -0.0004 -0.0021 1   GLU B CA  
90  C C   . GLU B 1 ? 0.0022 0.0023 0.0054 0.0005  -0.0006 -0.0015 1   GLU B C   
91  O O   . GLU B 1 ? 0.0078 0.0062 0.0064 -0.0033 0.0003  -0.0022 1   GLU B O   
92  C CB  . GLU B 1 ? 0.0066 0.0042 0.0074 0.0023  0.0011  -0.0017 1   GLU B CB  
93  C CG  . GLU B 1 ? 0.0151 0.0104 0.0141 -0.0001 0.0012  0.0028  1   GLU B CG  
94  C CD  . GLU B 1 ? 0.0274 0.0093 0.0163 -0.0002 -0.0068 0.0020  1   GLU B CD  
95  O OE1 . GLU B 1 ? 0.0335 0.0110 0.0233 0.0010  -0.0113 0.0018  1   GLU B OE1 
96  O OE2 . GLU B 1 ? 0.0522 0.0191 0.0241 0.0008  -0.0180 -0.0004 1   GLU B OE2 
103 N N   . DPR B 2 ? 0.0057 0.0016 0.0015 -0.0007 0.0001  -0.0001 2   DPR B N   
104 C CA  . DPR B 2 ? 0.0063 0.0030 0.0044 0.0012  0.0008  -0.0014 2   DPR B CA  
105 C CB  . DPR B 2 ? 0.0196 0.0053 0.0060 0.0010  -0.0015 -0.0006 2   DPR B CB  
106 C CG  . DPR B 2 ? 0.0234 0.0071 0.0081 -0.0028 -0.0050 0.0004  2   DPR B CG  
107 C CD  . DPR B 2 ? 0.0151 0.0067 0.0071 -0.0038 -0.0028 -0.0005 2   DPR B CD  
108 C C   . DPR B 2 ? 0.0011 0.0017 0.0024 0.0005  -0.0006 -0.0012 2   DPR B C   
109 O O   . DPR B 2 ? 0.0022 0.0026 0.0046 0.0010  -0.0010 -0.0006 2   DPR B O   
117 N N   . DPR B 3 ? 0.0016 0.0023 0.0027 0.0008  0.0006  -0.0006 3   DPR B N   
118 C CA  . DPR B 3 ? 0.0024 0.0017 0.0032 -0.0006 0.0002  -0.0011 3   DPR B CA  
119 C CB  . DPR B 3 ? 0.0033 0.0050 0.0054 -0.0021 0.0012  -0.0013 3   DPR B CB  
120 C CG  . DPR B 3 ? 0.0026 0.0069 0.0055 -0.0013 0.0009  -0.0024 3   DPR B CG  
121 C CD  . DPR B 3 ? 0.0022 0.0067 0.0050 0.0004  0.0004  -0.0019 3   DPR B CD  
122 C C   . DPR B 3 ? 0.0011 0.0008 0.0002 -0.0005 0.0002  -0.0002 3   DPR B C   
123 O O   . DPR B 3 ? 0.0021 0.0032 0.0065 0.0000  -0.0010 -0.0015 3   DPR B O   
131 N N   . LYS B 4 ? 0.0006 0.0012 0.0018 -0.0003 -0.0002 0.0000  4   LYS B N   
132 C CA  A LYS B 4 ? 0.0010 0.0021 0.0030 0.0001  -0.0006 -0.0008 4   LYS B CA  
133 C CA  B LYS B 4 ? 0.0006 0.0009 0.0017 0.0000  -0.0003 -0.0005 4   LYS B CA  
134 C C   . LYS B 4 ? 0.0009 0.0013 0.0030 0.0001  -0.0004 -0.0009 4   LYS B C   
135 O O   . LYS B 4 ? 0.0028 0.0050 0.0060 -0.0020 -0.0006 -0.0003 4   LYS B O   
136 C CB  A LYS B 4 ? 0.0058 0.0063 0.0062 0.0010  -0.0016 -0.0009 4   LYS B CB  
137 C CB  B LYS B 4 ? 0.0015 0.0023 0.0021 -0.0008 -0.0008 0.0004  4   LYS B CB  
138 C CG  A LYS B 4 ? 0.0088 0.0096 0.0105 0.0041  -0.0003 -0.0001 4   LYS B CG  
139 C CG  B LYS B 4 ? 0.0020 0.0030 0.0030 0.0010  0.0012  0.0018  4   LYS B CG  
140 C CD  A LYS B 4 ? 0.0130 0.0178 0.0162 0.0044  0.0006  -0.0010 4   LYS B CD  
141 C CD  B LYS B 4 ? 0.0028 0.0070 0.0041 0.0016  0.0010  0.0025  4   LYS B CD  
142 C CE  A LYS B 4 ? 0.0218 0.0230 0.0218 0.0065  -0.0013 -0.0005 4   LYS B CE  
143 C CE  B LYS B 4 ? 0.0033 0.0105 0.0050 0.0011  0.0006  0.0038  4   LYS B CE  
144 N NZ  A LYS B 4 ? 0.0284 0.0295 0.0263 0.0055  -0.0025 0.0012  4   LYS B NZ  
145 N NZ  B LYS B 4 ? 0.0070 0.0123 0.0065 -0.0021 -0.0015 0.0046  4   LYS B NZ  
171 N N   . DVA B 5 ? 0.0009 0.0017 0.0022 -0.0005 -0.0002 -0.0001 5   DVA B N   
172 C CA  . DVA B 5 ? 0.0032 0.0032 0.0044 -0.0019 -0.0001 -0.0004 5   DVA B CA  
173 C CB  . DVA B 5 ? 0.0108 0.0056 0.0100 0.0003  0.0012  -0.0007 5   DVA B CB  
174 C CG1 . DVA B 5 ? 0.0180 0.0067 0.0148 0.0008  0.0039  0.0008  5   DVA B CG1 
175 C CG2 . DVA B 5 ? 0.0216 0.0094 0.0106 -0.0012 -0.0004 -0.0002 5   DVA B CG2 
176 C C   . DVA B 5 ? 0.0054 0.0036 0.0021 -0.0024 -0.0008 0.0006  5   DVA B C   
177 O O   . DVA B 5 ? 0.0062 0.0043 0.0064 -0.0014 -0.0015 -0.0022 5   DVA B O   
193 O O   . HOH C . ? 0.0649 0.0556 0.0250 -0.0349 -0.0033 0.0015  101 HOH A O   
194 O O   . HOH C . ? 0.0453 0.0202 0.0265 -0.0034 0.0075  -0.0083 102 HOH A O   
197 O O   . HOH C . ? 0.0754 0.0507 0.0303 -0.0123 -0.0209 0.0052  103 HOH A O   
200 O O   . HOH C . ? 0.0419 0.0355 0.0398 -0.0210 0.0095  -0.0119 104 HOH A O   
201 O O   . HOH C . ? 0.0101 0.0142 0.0190 0.0028  -0.0053 0.0005  105 HOH A O   
204 O O   . HOH C . ? 0.0071 0.0036 0.0088 0.0024  -0.0002 -0.0007 106 HOH A O   
207 O O   . HOH C . ? 0.0264 0.0393 0.0229 -0.0121 -0.0027 0.0043  107 HOH A O   
210 O O   A HOH C . ? 0.0245 0.0183 0.0250 -0.0059 -0.0030 0.0003  108 HOH A O   
211 O O   B HOH C . ? 0.0252 0.0176 0.0329 0.0003  -0.0008 -0.0131 108 HOH A O   
212 O O   . HOH C . ? 0.0241 0.0147 0.0221 -0.0032 0.0028  -0.0045 109 HOH A O   
215 O O   . HOH D . ? 0.0304 0.0243 0.0277 -0.0064 0.0023  -0.0019 101 HOH B O   
218 O O   . HOH D . ? 0.0213 0.0236 0.0084 -0.0074 -0.0029 0.0005  102 HOH B O   
221 O O   . HOH D . ? 0.0596 0.1098 0.0777 0.0285  -0.0154 -0.0271 103 HOH B O   
222 O O   . HOH D . ? 0.0175 0.0211 0.0184 -0.0097 0.0058  -0.0077 104 HOH B O   
225 O O   . HOH D . ? 0.0130 0.0215 0.0187 -0.0070 0.0017  -0.0045 105 HOH B O   
228 O O   . HOH D . ? 0.0036 0.0039 0.0087 0.0008  0.0003  -0.0024 106 HOH B O   
231 O O   . HOH D . ? 0.0371 0.0467 0.0492 -0.0085 -0.0190 0.0174  107 HOH B O   
234 O O   . HOH D . ? 0.0403 0.0266 0.0182 -0.0036 -0.0023 0.0024  108 HOH B O   
# 
